data_5AFX
#
_entry.id   5AFX
#
_cell.length_a   132.471
_cell.length_b   119.026
_cell.length_c   63.470
_cell.angle_alpha   90.00
_cell.angle_beta   112.47
_cell.angle_gamma   90.00
#
_symmetry.space_group_name_H-M   'C 1 2 1'
#
loop_
_entity.id
_entity.type
_entity.pdbx_description
1 polymer 'FARNESYL PYROPHOSPHATE SYNTHASE'
2 non-polymer 'MAGNESIUM ION'
3 non-polymer '[1-hydroxy-2-(1-nonyl-1H-3lambda~5~-imidazol-3-yl)ethane-1,1-diyl]bis(phosphonic acid)'
4 water water
#
_entity_poly.entity_id   1
_entity_poly.type   'polypeptide(L)'
_entity_poly.pdbx_seq_one_letter_code
;MPMQMFMQVYDEIQMFLLEELELKFDMDPNRVRYLRKMMDTTCLGGKYNRGLTVIDVAESLLSLSPNNNGEEDDGARRKR
VLHDACVCGWMIEFLQAHYLVEDDIMDNSVTRRGKPCWYRHPDVTVQCAINDGLLLKSWTHMMAMHFFADRPFLQDLLCR
FNRVDYTTAVGQLYDVTSMFDSNKLDPDVSQPTTTDFAEFTLSNYKRIVKYKTAYYTYLLPLVMGLIVSEALPTVDMGVT
EELAMLMGEYFQVQDDVMDCFTPPERLGKVGTDIQDAKCSWLAVTFLAKASSAQVAEFKANYGSGDSEKVATVRRLYEEA
DLQGDYVAYEAAVAEQVKELIEKLRLCSPGFAASVETLWGKTYKRQK
;
_entity_poly.pdbx_strand_id   A,B
#
# COMPACT_ATOMS: atom_id res chain seq x y z
N MET A 1 -22.54 24.22 6.84
CA MET A 1 -22.69 23.64 5.46
C MET A 1 -21.46 22.93 4.89
N PRO A 2 -20.25 23.52 4.99
CA PRO A 2 -19.12 22.78 4.39
C PRO A 2 -19.27 21.27 4.62
N MET A 3 -19.44 20.91 5.88
CA MET A 3 -19.70 19.53 6.31
C MET A 3 -20.91 18.89 5.59
N GLN A 4 -21.96 19.67 5.37
CA GLN A 4 -23.17 19.21 4.69
C GLN A 4 -22.80 18.51 3.38
N MET A 5 -22.21 19.29 2.46
CA MET A 5 -21.89 18.83 1.09
C MET A 5 -20.72 17.85 1.06
N PHE A 6 -19.81 17.99 2.02
CA PHE A 6 -18.72 17.03 2.22
C PHE A 6 -19.28 15.63 2.35
N MET A 7 -20.23 15.48 3.26
CA MET A 7 -20.93 14.20 3.46
C MET A 7 -21.70 13.73 2.25
N GLN A 8 -22.21 14.68 1.47
CA GLN A 8 -22.98 14.34 0.28
C GLN A 8 -22.08 13.68 -0.78
N VAL A 9 -20.92 14.27 -0.99
CA VAL A 9 -19.96 13.75 -1.94
C VAL A 9 -19.33 12.49 -1.40
N TYR A 10 -19.33 12.32 -0.07
CA TYR A 10 -18.96 11.02 0.49
C TYR A 10 -19.85 9.94 0.00
N ASP A 11 -21.14 10.23 0.02
CA ASP A 11 -22.19 9.30 -0.46
C ASP A 11 -22.02 9.00 -1.92
N GLU A 12 -21.66 10.03 -2.70
CA GLU A 12 -21.42 9.85 -4.13
C GLU A 12 -20.31 8.87 -4.39
N ILE A 13 -19.17 9.17 -3.77
CA ILE A 13 -17.96 8.39 -3.89
C ILE A 13 -18.23 6.97 -3.46
N GLN A 14 -18.99 6.79 -2.38
CA GLN A 14 -19.27 5.45 -1.87
C GLN A 14 -20.07 4.69 -2.89
N MET A 15 -21.03 5.38 -3.49
CA MET A 15 -21.94 4.75 -4.45
C MET A 15 -21.19 4.29 -5.69
N PHE A 16 -20.38 5.18 -6.21
CA PHE A 16 -19.62 4.90 -7.40
C PHE A 16 -18.63 3.73 -7.22
N LEU A 17 -17.91 3.74 -6.10
CA LEU A 17 -16.91 2.71 -5.82
C LEU A 17 -17.55 1.34 -5.63
N LEU A 18 -18.57 1.31 -4.78
CA LEU A 18 -19.23 0.08 -4.39
C LEU A 18 -19.97 -0.51 -5.56
N GLU A 19 -20.58 0.36 -6.34
CA GLU A 19 -21.35 -0.04 -7.48
C GLU A 19 -20.43 -0.55 -8.56
N GLU A 20 -19.29 0.11 -8.69
CA GLU A 20 -18.29 -0.30 -9.64
C GLU A 20 -17.72 -1.64 -9.28
N LEU A 21 -17.70 -1.96 -8.00
CA LEU A 21 -17.23 -3.25 -7.59
C LEU A 21 -18.22 -4.27 -8.12
N GLU A 22 -19.49 -4.04 -7.76
CA GLU A 22 -20.66 -4.85 -8.15
C GLU A 22 -20.68 -5.27 -9.63
N LEU A 23 -20.51 -4.28 -10.49
CA LEU A 23 -20.66 -4.41 -11.93
C LEU A 23 -19.40 -4.97 -12.60
N LYS A 24 -18.26 -4.36 -12.28
CA LYS A 24 -16.98 -4.65 -12.94
C LYS A 24 -15.97 -5.56 -12.19
N PHE A 25 -16.26 -5.98 -10.97
CA PHE A 25 -15.40 -6.95 -10.32
C PHE A 25 -16.17 -8.15 -9.83
N ASP A 26 -17.40 -8.32 -10.29
CA ASP A 26 -18.13 -9.57 -10.08
C ASP A 26 -18.36 -9.82 -8.60
N MET A 27 -18.67 -8.75 -7.89
CA MET A 27 -18.72 -8.82 -6.42
C MET A 27 -20.12 -9.11 -5.95
N ASP A 28 -20.24 -10.05 -5.03
CA ASP A 28 -21.53 -10.35 -4.44
C ASP A 28 -21.86 -9.25 -3.44
N PRO A 29 -23.14 -9.12 -3.05
CA PRO A 29 -23.58 -8.19 -2.01
C PRO A 29 -22.94 -8.36 -0.63
N ASN A 30 -22.54 -9.56 -0.24
CA ASN A 30 -21.91 -9.73 1.07
C ASN A 30 -20.61 -8.93 1.16
N ARG A 31 -19.62 -9.31 0.36
CA ARG A 31 -18.34 -8.63 0.33
C ARG A 31 -18.58 -7.13 0.08
N VAL A 32 -19.51 -6.81 -0.81
CA VAL A 32 -19.85 -5.42 -1.05
C VAL A 32 -20.30 -4.74 0.22
N ARG A 33 -21.13 -5.41 1.01
CA ARG A 33 -21.55 -4.89 2.30
C ARG A 33 -20.38 -4.76 3.27
N TYR A 34 -19.57 -5.80 3.35
CA TYR A 34 -18.35 -5.75 4.16
C TYR A 34 -17.58 -4.44 3.92
N LEU A 35 -17.20 -4.21 2.68
CA LEU A 35 -16.47 -3.02 2.31
C LEU A 35 -17.17 -1.70 2.59
N ARG A 36 -18.50 -1.68 2.58
CA ARG A 36 -19.21 -0.45 2.95
C ARG A 36 -18.96 -0.17 4.43
N LYS A 37 -19.10 -1.20 5.25
CA LYS A 37 -18.82 -1.09 6.68
C LYS A 37 -17.36 -0.66 6.89
N MET A 38 -16.43 -1.38 6.26
CA MET A 38 -15.02 -1.02 6.37
C MET A 38 -14.84 0.46 6.08
N MET A 39 -15.40 0.91 4.97
CA MET A 39 -15.23 2.31 4.53
C MET A 39 -15.79 3.34 5.51
N ASP A 40 -16.99 3.05 6.04
CA ASP A 40 -17.63 3.94 7.01
C ASP A 40 -16.82 3.97 8.31
N THR A 41 -16.36 2.80 8.78
CA THR A 41 -15.63 2.71 10.07
C THR A 41 -14.22 3.33 10.05
N THR A 42 -13.48 3.13 8.97
CA THR A 42 -12.13 3.69 8.84
C THR A 42 -12.17 5.15 8.40
N CYS A 43 -13.08 5.49 7.48
CA CYS A 43 -13.06 6.82 6.86
C CYS A 43 -13.84 7.85 7.68
N LEU A 44 -14.96 7.44 8.28
CA LEU A 44 -15.81 8.36 9.04
C LEU A 44 -15.51 8.37 10.54
N GLY A 45 -16.10 9.34 11.21
CA GLY A 45 -16.04 9.43 12.66
C GLY A 45 -15.06 10.46 13.14
N GLY A 46 -14.14 10.87 12.28
CA GLY A 46 -13.14 11.87 12.65
C GLY A 46 -13.77 13.23 12.55
N LYS A 47 -12.95 14.26 12.58
CA LYS A 47 -13.43 15.64 12.42
C LYS A 47 -13.03 16.24 11.08
N TYR A 48 -12.41 15.43 10.23
CA TYR A 48 -12.26 15.73 8.80
C TYR A 48 -11.45 16.97 8.59
N ASN A 49 -10.45 17.07 9.46
CA ASN A 49 -9.63 18.26 9.55
C ASN A 49 -8.96 18.54 8.21
N ARG A 50 -8.34 17.49 7.68
CA ARG A 50 -7.61 17.62 6.42
C ARG A 50 -8.56 17.81 5.25
N GLY A 51 -9.66 17.07 5.24
CA GLY A 51 -10.62 17.20 4.18
C GLY A 51 -11.19 18.60 4.08
N LEU A 52 -11.73 19.10 5.19
CA LEU A 52 -12.42 20.39 5.22
C LEU A 52 -11.51 21.54 4.83
N THR A 53 -10.28 21.48 5.31
CA THR A 53 -9.27 22.43 4.92
C THR A 53 -9.23 22.66 3.40
N VAL A 54 -9.25 21.56 2.65
CA VAL A 54 -9.14 21.62 1.19
C VAL A 54 -10.28 22.47 0.64
N ILE A 55 -11.49 22.22 1.11
CA ILE A 55 -12.65 23.02 0.71
C ILE A 55 -12.41 24.45 1.09
N ASP A 56 -12.01 24.64 2.34
CA ASP A 56 -11.86 25.97 2.89
C ASP A 56 -10.86 26.80 2.07
N VAL A 57 -9.78 26.17 1.60
CA VAL A 57 -8.83 26.89 0.80
C VAL A 57 -9.49 27.25 -0.53
N ALA A 58 -10.13 26.27 -1.14
CA ALA A 58 -10.75 26.47 -2.43
C ALA A 58 -11.72 27.66 -2.42
N GLU A 59 -12.61 27.64 -1.44
CA GLU A 59 -13.63 28.66 -1.28
C GLU A 59 -13.06 30.06 -1.01
N SER A 60 -12.03 30.14 -0.20
CA SER A 60 -11.28 31.39 -0.01
C SER A 60 -10.72 31.91 -1.32
N LEU A 61 -10.17 31.01 -2.14
CA LEU A 61 -9.41 31.39 -3.34
C LEU A 61 -10.23 31.66 -4.61
N LEU A 62 -11.42 31.09 -4.73
CA LEU A 62 -12.17 31.16 -6.00
C LEU A 62 -12.50 32.59 -6.45
N SER A 63 -12.52 33.50 -5.48
CA SER A 63 -12.51 34.97 -5.68
C SER A 63 -11.89 35.47 -6.99
N ASP A 74 -22.54 32.59 -13.88
CA ASP A 74 -21.67 31.43 -14.02
C ASP A 74 -21.14 31.00 -12.63
N GLY A 75 -22.07 30.67 -11.74
CA GLY A 75 -21.75 29.99 -10.48
C GLY A 75 -21.44 28.51 -10.72
N ALA A 76 -21.23 28.14 -11.98
CA ALA A 76 -20.80 26.81 -12.40
C ALA A 76 -19.32 26.56 -12.03
N ARG A 77 -18.48 27.58 -12.21
CA ARG A 77 -17.09 27.52 -11.75
C ARG A 77 -17.03 27.34 -10.24
N ARG A 78 -17.94 27.98 -9.53
CA ARG A 78 -18.01 27.82 -8.08
C ARG A 78 -18.30 26.34 -7.79
N LYS A 79 -19.31 25.80 -8.45
CA LYS A 79 -19.74 24.41 -8.18
C LYS A 79 -18.66 23.37 -8.54
N ARG A 80 -17.87 23.66 -9.57
CA ARG A 80 -16.88 22.72 -10.08
C ARG A 80 -15.71 22.60 -9.11
N VAL A 81 -15.21 23.76 -8.70
CA VAL A 81 -14.15 23.87 -7.71
C VAL A 81 -14.57 23.23 -6.36
N LEU A 82 -15.78 23.53 -5.93
CA LEU A 82 -16.28 23.03 -4.66
C LEU A 82 -16.40 21.54 -4.64
N HIS A 83 -16.98 21.00 -5.70
CA HIS A 83 -17.08 19.57 -5.82
C HIS A 83 -15.68 18.93 -5.85
N ASP A 84 -14.82 19.42 -6.75
CA ASP A 84 -13.46 18.89 -6.90
C ASP A 84 -12.80 18.91 -5.54
N ALA A 85 -12.85 20.08 -4.90
CA ALA A 85 -12.27 20.26 -3.58
C ALA A 85 -12.75 19.18 -2.59
N CYS A 86 -14.03 18.86 -2.64
CA CYS A 86 -14.60 17.80 -1.80
C CYS A 86 -14.07 16.41 -2.15
N VAL A 87 -13.91 16.15 -3.44
CA VAL A 87 -13.29 14.91 -3.86
C VAL A 87 -11.83 14.84 -3.36
N CYS A 88 -11.08 15.93 -3.54
CA CYS A 88 -9.71 15.98 -3.02
C CYS A 88 -9.66 15.75 -1.51
N GLY A 89 -10.67 16.29 -0.84
CA GLY A 89 -10.77 16.20 0.58
C GLY A 89 -10.91 14.78 1.01
N TRP A 90 -11.82 14.07 0.35
CA TRP A 90 -12.00 12.66 0.60
C TRP A 90 -10.77 11.84 0.19
N MET A 91 -10.13 12.23 -0.89
CA MET A 91 -8.85 11.64 -1.21
C MET A 91 -7.86 11.64 -0.05
N ILE A 92 -7.73 12.78 0.65
CA ILE A 92 -6.84 12.88 1.81
C ILE A 92 -7.33 12.09 3.01
N GLU A 93 -8.63 12.21 3.27
CA GLU A 93 -9.25 11.44 4.34
C GLU A 93 -9.11 9.93 4.15
N PHE A 94 -9.29 9.45 2.92
CA PHE A 94 -9.08 8.00 2.67
C PHE A 94 -7.60 7.60 2.78
N LEU A 95 -6.71 8.51 2.40
CA LEU A 95 -5.27 8.28 2.56
C LEU A 95 -4.90 8.16 4.03
N GLN A 96 -5.45 9.06 4.85
CA GLN A 96 -5.31 9.00 6.30
C GLN A 96 -5.90 7.73 6.89
N ALA A 97 -7.06 7.31 6.40
CA ALA A 97 -7.70 6.12 6.93
C ALA A 97 -6.85 4.90 6.62
N HIS A 98 -6.25 4.92 5.44
CA HIS A 98 -5.36 3.83 5.04
C HIS A 98 -4.19 3.73 5.99
N TYR A 99 -3.52 4.86 6.25
CA TYR A 99 -2.44 4.97 7.27
C TYR A 99 -2.82 4.47 8.64
N LEU A 100 -3.97 4.90 9.14
CA LEU A 100 -4.34 4.52 10.49
C LEU A 100 -4.62 3.04 10.56
N VAL A 101 -5.32 2.48 9.57
CA VAL A 101 -5.54 1.05 9.60
C VAL A 101 -4.18 0.33 9.73
N GLU A 102 -3.22 0.71 8.89
CA GLU A 102 -1.92 0.06 8.88
C GLU A 102 -1.04 0.42 10.09
N ASP A 103 -1.11 1.69 10.57
CA ASP A 103 -0.37 2.13 11.75
C ASP A 103 -0.81 1.34 12.99
N ASP A 104 -2.10 1.28 13.23
CA ASP A 104 -2.59 0.59 14.42
C ASP A 104 -2.07 -0.85 14.51
N ILE A 105 -2.04 -1.51 13.37
CA ILE A 105 -1.45 -2.84 13.22
C ILE A 105 0.04 -2.80 13.55
N MET A 106 0.77 -1.90 12.89
CA MET A 106 2.20 -1.81 13.14
C MET A 106 2.47 -1.46 14.61
N ASP A 107 1.67 -0.57 15.20
CA ASP A 107 1.87 -0.08 16.58
C ASP A 107 1.16 -0.96 17.61
N ASN A 108 0.37 -1.92 17.13
CA ASN A 108 -0.29 -2.93 17.96
C ASN A 108 -1.30 -2.27 18.89
N SER A 109 -1.92 -1.21 18.37
CA SER A 109 -2.85 -0.41 19.14
C SER A 109 -4.15 -1.18 19.43
N VAL A 110 -4.86 -0.74 20.46
CA VAL A 110 -6.11 -1.35 20.88
C VAL A 110 -7.30 -0.60 20.33
N THR A 111 -7.30 0.72 20.51
CA THR A 111 -8.49 1.52 20.25
C THR A 111 -8.17 2.74 19.42
N ARG A 112 -9.15 3.15 18.61
CA ARG A 112 -9.05 4.40 17.86
C ARG A 112 -10.42 5.03 17.75
N ARG A 113 -10.45 6.34 17.94
CA ARG A 113 -11.67 7.13 17.80
C ARG A 113 -12.78 6.83 18.82
N GLY A 114 -12.47 5.97 19.78
CA GLY A 114 -13.45 5.55 20.78
C GLY A 114 -13.94 4.13 20.59
N LYS A 115 -13.59 3.53 19.44
CA LYS A 115 -13.96 2.15 19.15
C LYS A 115 -12.68 1.34 18.98
N PRO A 116 -12.78 0.03 18.76
CA PRO A 116 -11.55 -0.74 18.58
C PRO A 116 -10.96 -0.54 17.19
N CYS A 117 -9.63 -0.60 17.11
CA CYS A 117 -8.95 -0.56 15.82
C CYS A 117 -9.49 -1.62 14.85
N TRP A 118 -9.55 -1.26 13.57
CA TRP A 118 -10.12 -2.12 12.53
C TRP A 118 -9.67 -3.56 12.58
N TYR A 119 -8.36 -3.77 12.73
CA TYR A 119 -7.78 -5.11 12.80
C TYR A 119 -8.15 -5.83 14.11
N ARG A 120 -8.77 -5.09 15.02
CA ARG A 120 -9.12 -5.63 16.33
C ARG A 120 -10.63 -5.88 16.44
N HIS A 121 -11.38 -5.55 15.40
CA HIS A 121 -12.75 -6.05 15.29
C HIS A 121 -12.77 -7.59 15.30
N PRO A 122 -13.78 -8.16 15.97
CA PRO A 122 -13.81 -9.61 16.25
C PRO A 122 -13.91 -10.42 14.96
N ASP A 123 -14.52 -9.80 13.96
CA ASP A 123 -14.75 -10.38 12.64
C ASP A 123 -13.74 -10.00 11.56
N VAL A 124 -12.69 -9.26 11.91
CA VAL A 124 -11.68 -8.82 10.95
C VAL A 124 -10.31 -9.40 11.34
N THR A 125 -9.80 -10.27 10.47
CA THR A 125 -8.50 -10.89 10.65
C THR A 125 -7.39 -9.89 10.33
N VAL A 126 -6.23 -10.08 10.96
CA VAL A 126 -5.10 -9.17 10.77
C VAL A 126 -4.77 -9.06 9.28
N GLN A 127 -4.63 -10.21 8.64
CA GLN A 127 -4.39 -10.28 7.20
C GLN A 127 -5.38 -9.46 6.38
N CYS A 128 -6.66 -9.66 6.63
CA CYS A 128 -7.69 -8.97 5.85
C CYS A 128 -7.58 -7.47 6.10
N ALA A 129 -7.19 -7.09 7.31
CA ALA A 129 -7.02 -5.66 7.66
C ALA A 129 -5.88 -5.02 6.90
N ILE A 130 -4.80 -5.78 6.71
CA ILE A 130 -3.69 -5.25 5.93
C ILE A 130 -4.19 -4.97 4.53
N ASN A 131 -4.93 -5.90 3.95
CA ASN A 131 -5.44 -5.72 2.60
C ASN A 131 -6.54 -4.67 2.49
N ASP A 132 -7.34 -4.53 3.54
CA ASP A 132 -8.32 -3.43 3.62
C ASP A 132 -7.61 -2.10 3.65
N GLY A 133 -6.47 -2.09 4.34
CA GLY A 133 -5.63 -0.94 4.32
C GLY A 133 -5.31 -0.57 2.89
N LEU A 134 -4.90 -1.56 2.09
CA LEU A 134 -4.44 -1.29 0.71
C LEU A 134 -5.55 -0.83 -0.20
N LEU A 135 -6.71 -1.47 -0.08
CA LEU A 135 -7.93 -1.03 -0.75
C LEU A 135 -8.23 0.45 -0.50
N LEU A 136 -8.16 0.88 0.76
CA LEU A 136 -8.34 2.31 1.07
C LEU A 136 -7.42 3.23 0.25
N LYS A 137 -6.13 2.89 0.18
CA LYS A 137 -5.23 3.70 -0.63
C LYS A 137 -5.66 3.65 -2.08
N SER A 138 -6.06 2.49 -2.58
CA SER A 138 -6.43 2.37 -4.00
C SER A 138 -7.65 3.18 -4.36
N TRP A 139 -8.57 3.27 -3.40
CA TRP A 139 -9.77 4.10 -3.59
C TRP A 139 -9.46 5.56 -3.89
N THR A 140 -8.37 6.09 -3.35
CA THR A 140 -8.05 7.47 -3.59
C THR A 140 -7.79 7.64 -5.06
N HIS A 141 -7.03 6.71 -5.63
CA HIS A 141 -6.77 6.74 -7.05
C HIS A 141 -8.04 6.58 -7.86
N MET A 142 -8.86 5.62 -7.48
CA MET A 142 -10.04 5.35 -8.28
C MET A 142 -10.94 6.58 -8.31
N MET A 143 -11.18 7.16 -7.14
CA MET A 143 -12.02 8.35 -7.08
C MET A 143 -11.42 9.52 -7.90
N ALA A 144 -10.11 9.74 -7.76
CA ALA A 144 -9.43 10.79 -8.50
C ALA A 144 -9.57 10.63 -10.01
N MET A 145 -9.47 9.40 -10.47
CA MET A 145 -9.49 9.12 -11.91
C MET A 145 -10.91 9.28 -12.45
N HIS A 146 -11.89 8.85 -11.68
CA HIS A 146 -13.25 9.02 -12.11
C HIS A 146 -13.62 10.49 -12.28
N PHE A 147 -13.50 11.27 -11.21
CA PHE A 147 -14.01 12.63 -11.14
C PHE A 147 -13.15 13.68 -11.78
N PHE A 148 -11.86 13.41 -11.94
CA PHE A 148 -10.99 14.38 -12.56
C PHE A 148 -10.46 13.93 -13.89
N ALA A 149 -11.10 12.92 -14.47
CA ALA A 149 -10.66 12.31 -15.73
C ALA A 149 -10.30 13.35 -16.82
N ASP A 150 -11.12 14.39 -16.94
CA ASP A 150 -10.89 15.44 -17.95
C ASP A 150 -10.47 16.80 -17.40
N ARG A 151 -9.81 16.80 -16.25
CA ARG A 151 -9.17 17.98 -15.69
C ARG A 151 -7.71 18.14 -16.09
N PRO A 152 -7.30 19.34 -16.50
CA PRO A 152 -5.93 19.66 -16.90
C PRO A 152 -4.88 19.42 -15.83
N PHE A 153 -5.30 19.46 -14.57
CA PHE A 153 -4.39 19.39 -13.45
C PHE A 153 -4.22 17.96 -12.93
N LEU A 154 -5.00 17.01 -13.47
CA LEU A 154 -4.96 15.62 -12.99
C LEU A 154 -3.55 15.00 -12.91
N GLN A 155 -2.68 15.24 -13.88
CA GLN A 155 -1.32 14.66 -13.77
C GLN A 155 -0.55 15.27 -12.60
N ASP A 156 -0.59 16.60 -12.48
CA ASP A 156 0.14 17.29 -11.43
C ASP A 156 -0.39 16.90 -10.03
N LEU A 157 -1.71 16.84 -9.87
CA LEU A 157 -2.33 16.33 -8.64
C LEU A 157 -1.80 14.93 -8.20
N LEU A 158 -1.78 13.98 -9.13
CA LEU A 158 -1.32 12.61 -8.86
C LEU A 158 0.18 12.43 -8.63
N CYS A 159 1.03 13.26 -9.23
CA CYS A 159 2.45 13.32 -8.90
C CYS A 159 2.61 13.76 -7.46
N ARG A 160 2.01 14.90 -7.13
CA ARG A 160 2.10 15.53 -5.81
C ARG A 160 1.63 14.57 -4.74
N PHE A 161 0.47 13.99 -5.00
CA PHE A 161 -0.16 13.13 -4.04
C PHE A 161 0.70 11.92 -3.74
N ASN A 162 1.27 11.32 -4.79
CA ASN A 162 2.21 10.20 -4.68
C ASN A 162 3.56 10.50 -4.04
N ARG A 163 4.10 11.67 -4.26
CA ARG A 163 5.26 12.05 -3.49
C ARG A 163 4.94 12.07 -1.98
N VAL A 164 3.83 12.67 -1.62
CA VAL A 164 3.51 12.84 -0.23
C VAL A 164 3.43 11.46 0.42
N ASP A 165 2.74 10.57 -0.28
CA ASP A 165 2.43 9.27 0.26
C ASP A 165 3.70 8.45 0.40
N TYR A 166 4.58 8.57 -0.58
CA TYR A 166 5.97 8.12 -0.48
C TYR A 166 6.77 8.74 0.68
N THR A 167 6.72 10.05 0.82
CA THR A 167 7.42 10.72 1.93
C THR A 167 6.83 10.24 3.27
N THR A 168 5.51 10.07 3.34
CA THR A 168 4.87 9.52 4.55
C THR A 168 5.43 8.12 4.91
N ALA A 169 5.70 7.30 3.90
CA ALA A 169 6.24 5.96 4.13
C ALA A 169 7.70 6.00 4.57
N VAL A 170 8.48 6.88 3.96
CA VAL A 170 9.84 7.13 4.40
C VAL A 170 9.85 7.55 5.85
N GLY A 171 8.92 8.45 6.23
CA GLY A 171 8.76 8.92 7.62
C GLY A 171 8.47 7.80 8.58
N GLN A 172 7.71 6.85 8.08
CA GLN A 172 7.36 5.64 8.82
C GLN A 172 8.54 4.76 9.10
N LEU A 173 9.36 4.57 8.07
CA LEU A 173 10.66 3.90 8.20
C LEU A 173 11.50 4.53 9.34
N TYR A 174 11.55 5.86 9.41
CA TYR A 174 12.25 6.50 10.53
C TYR A 174 11.63 6.16 11.89
N ASP A 175 10.35 6.48 12.03
CA ASP A 175 9.65 6.22 13.26
C ASP A 175 9.87 4.77 13.72
N VAL A 176 9.54 3.85 12.84
CA VAL A 176 9.53 2.43 13.19
C VAL A 176 10.95 1.92 13.47
N THR A 177 11.98 2.57 12.94
CA THR A 177 13.37 2.16 13.24
C THR A 177 14.12 3.05 14.24
N SER A 178 13.42 3.84 15.05
CA SER A 178 14.07 4.78 15.98
C SER A 178 14.61 4.15 17.27
N MET A 179 14.12 2.97 17.65
CA MET A 179 14.60 2.29 18.89
C MET A 179 15.74 1.31 18.58
N PHE A 180 16.17 1.23 17.32
CA PHE A 180 17.37 0.47 16.96
C PHE A 180 18.52 1.42 16.62
N ASP A 181 19.67 1.22 17.24
CA ASP A 181 20.87 1.95 16.89
C ASP A 181 21.15 1.78 15.40
N SER A 182 21.08 2.87 14.64
CA SER A 182 21.06 2.80 13.17
C SER A 182 22.35 2.21 12.58
N ASN A 183 23.40 2.17 13.39
CA ASN A 183 24.65 1.54 12.97
C ASN A 183 24.58 0.01 12.88
N LYS A 184 23.75 -0.60 13.72
CA LYS A 184 23.55 -2.07 13.71
C LYS A 184 22.41 -2.52 12.78
N LEU A 185 21.99 -1.65 11.87
CA LEU A 185 20.82 -1.93 11.08
C LEU A 185 21.21 -2.84 9.93
N ASP A 186 20.75 -4.07 10.00
CA ASP A 186 21.03 -5.04 8.96
C ASP A 186 19.95 -6.11 8.97
N PRO A 187 19.31 -6.35 7.80
CA PRO A 187 18.24 -7.34 7.64
C PRO A 187 18.61 -8.75 8.06
N ASP A 188 19.87 -9.10 7.83
CA ASP A 188 20.36 -10.46 8.08
C ASP A 188 20.62 -10.79 9.54
N VAL A 189 20.83 -9.77 10.38
CA VAL A 189 21.18 -9.97 11.80
C VAL A 189 20.28 -9.22 12.78
N SER A 190 19.60 -9.97 13.65
CA SER A 190 18.62 -9.39 14.60
C SER A 190 19.26 -8.46 15.64
N GLN A 191 18.43 -7.68 16.31
CA GLN A 191 18.88 -6.73 17.33
C GLN A 191 17.78 -6.05 18.14
N PRO A 192 18.02 -5.84 19.40
CA PRO A 192 17.10 -5.42 20.45
C PRO A 192 16.98 -3.94 20.74
N THR A 193 16.02 -3.64 21.61
CA THR A 193 15.64 -2.27 21.91
C THR A 193 16.88 -1.60 22.46
N THR A 194 17.19 -0.40 21.97
CA THR A 194 18.40 0.34 22.39
C THR A 194 18.45 0.59 23.90
N THR A 195 19.62 0.37 24.51
CA THR A 195 19.82 0.53 25.97
C THR A 195 20.68 1.76 26.36
N ASP A 196 21.07 2.54 25.35
CA ASP A 196 21.65 3.88 25.57
C ASP A 196 20.81 5.02 24.95
N PHE A 197 19.86 4.67 24.07
CA PHE A 197 18.92 5.62 23.44
C PHE A 197 19.60 6.79 22.76
N ALA A 198 20.86 6.64 22.36
CA ALA A 198 21.62 7.79 21.84
C ALA A 198 21.10 8.29 20.48
N GLU A 199 20.17 7.53 19.90
CA GLU A 199 19.36 7.94 18.76
C GLU A 199 18.22 8.91 19.14
N PHE A 200 17.69 8.75 20.35
CA PHE A 200 16.60 9.61 20.85
C PHE A 200 17.46 10.85 20.70
N THR A 201 16.95 11.84 19.98
CA THR A 201 17.51 13.16 19.93
C THR A 201 16.44 13.96 19.28
N LEU A 202 16.39 15.24 19.61
CA LEU A 202 15.38 16.11 19.06
C LEU A 202 15.54 16.13 17.52
N SER A 203 16.76 16.13 17.04
CA SER A 203 17.03 16.23 15.61
C SER A 203 16.39 15.07 14.86
N ASN A 204 16.55 13.89 15.44
CA ASN A 204 16.00 12.67 14.92
C ASN A 204 14.51 12.70 15.05
N TYR A 205 14.03 13.24 16.14
CA TYR A 205 12.61 13.35 16.35
C TYR A 205 11.98 14.24 15.33
N LYS A 206 12.60 15.38 15.09
CA LYS A 206 12.12 16.33 14.08
C LYS A 206 12.03 15.70 12.68
N ARG A 207 13.00 14.87 12.34
CA ARG A 207 13.03 14.25 11.04
C ARG A 207 11.82 13.31 10.88
N ILE A 208 11.66 12.45 11.86
CA ILE A 208 10.57 11.49 11.87
C ILE A 208 9.22 12.16 11.69
N VAL A 209 9.02 13.29 12.33
CA VAL A 209 7.73 13.92 12.30
C VAL A 209 7.52 14.64 10.97
N LYS A 210 8.56 15.34 10.52
CA LYS A 210 8.49 16.06 9.29
C LYS A 210 7.83 15.19 8.23
N TYR A 211 8.40 14.00 8.07
CA TYR A 211 8.04 13.08 7.01
C TYR A 211 6.80 12.18 7.33
N LYS A 212 6.67 11.72 8.54
CA LYS A 212 5.56 10.86 8.86
C LYS A 212 4.24 11.63 8.98
N THR A 213 4.29 12.91 9.31
CA THR A 213 3.06 13.63 9.63
C THR A 213 2.81 14.93 8.87
N ALA A 214 3.83 15.76 8.74
CA ALA A 214 3.71 17.16 8.43
C ALA A 214 3.13 17.21 7.05
N TYR A 215 3.75 16.46 6.17
CA TYR A 215 3.44 16.54 4.75
C TYR A 215 2.01 16.21 4.44
N TYR A 216 1.59 14.98 4.75
CA TYR A 216 0.22 14.57 4.41
C TYR A 216 -0.83 15.19 5.30
N THR A 217 -0.40 15.82 6.40
CA THR A 217 -1.36 16.46 7.30
C THR A 217 -1.57 17.94 7.01
N TYR A 218 -0.50 18.72 6.82
CA TYR A 218 -0.67 20.17 6.61
C TYR A 218 -0.43 20.67 5.20
N LEU A 219 0.61 20.16 4.55
CA LEU A 219 1.00 20.67 3.23
C LEU A 219 0.07 20.18 2.11
N LEU A 220 -0.32 18.92 2.18
CA LEU A 220 -1.11 18.31 1.11
C LEU A 220 -2.52 18.90 0.95
N PRO A 221 -3.23 19.15 2.08
CA PRO A 221 -4.54 19.81 2.05
C PRO A 221 -4.48 21.22 1.49
N LEU A 222 -3.46 21.97 1.84
CA LEU A 222 -3.27 23.29 1.29
C LEU A 222 -3.03 23.23 -0.21
N VAL A 223 -2.16 22.32 -0.63
CA VAL A 223 -1.78 22.23 -2.02
C VAL A 223 -2.96 21.77 -2.86
N MET A 224 -3.70 20.79 -2.39
CA MET A 224 -4.83 20.31 -3.19
C MET A 224 -5.85 21.38 -3.44
N GLY A 225 -6.17 22.13 -2.38
CA GLY A 225 -7.07 23.28 -2.45
C GLY A 225 -6.60 24.35 -3.43
N LEU A 226 -5.32 24.64 -3.42
CA LEU A 226 -4.76 25.51 -4.42
C LEU A 226 -4.91 24.93 -5.84
N ILE A 227 -4.72 23.62 -5.99
CA ILE A 227 -4.76 23.00 -7.32
C ILE A 227 -6.13 23.09 -7.94
N VAL A 228 -7.14 22.61 -7.23
CA VAL A 228 -8.51 22.72 -7.71
C VAL A 228 -8.96 24.16 -7.98
N SER A 229 -8.25 25.12 -7.40
CA SER A 229 -8.56 26.54 -7.52
C SER A 229 -7.80 27.20 -8.63
N GLU A 230 -6.78 26.50 -9.14
CA GLU A 230 -5.95 27.01 -10.23
C GLU A 230 -5.26 28.28 -9.74
N ALA A 231 -4.75 28.19 -8.51
CA ALA A 231 -4.10 29.29 -7.80
C ALA A 231 -2.74 28.93 -7.17
N LEU A 232 -2.25 27.71 -7.42
CA LEU A 232 -0.99 27.24 -6.81
C LEU A 232 0.22 28.16 -7.06
N PRO A 233 0.38 28.64 -8.30
CA PRO A 233 1.52 29.55 -8.52
C PRO A 233 1.40 30.90 -7.75
N THR A 234 0.20 31.27 -7.32
CA THR A 234 -0.06 32.60 -6.72
C THR A 234 0.51 32.79 -5.30
N VAL A 235 0.79 31.71 -4.60
CA VAL A 235 1.33 31.84 -3.25
C VAL A 235 2.82 31.62 -3.26
N ASP A 236 3.46 32.10 -2.21
CA ASP A 236 4.87 31.86 -1.97
C ASP A 236 4.94 30.49 -1.34
N MET A 237 5.45 29.54 -2.09
CA MET A 237 5.50 28.17 -1.65
C MET A 237 6.50 28.05 -0.51
N GLY A 238 7.66 28.66 -0.67
CA GLY A 238 8.70 28.57 0.36
C GLY A 238 8.09 28.89 1.71
N VAL A 239 7.32 29.96 1.74
CA VAL A 239 6.63 30.40 2.93
C VAL A 239 5.64 29.32 3.37
N THR A 240 4.84 28.84 2.43
CA THR A 240 3.86 27.78 2.70
C THR A 240 4.49 26.48 3.25
N GLU A 241 5.65 26.11 2.73
CA GLU A 241 6.30 24.86 3.10
C GLU A 241 6.81 24.99 4.54
N GLU A 242 7.50 26.10 4.83
CA GLU A 242 7.96 26.43 6.18
C GLU A 242 6.80 26.31 7.17
N LEU A 243 5.70 27.01 6.86
CA LEU A 243 4.44 26.93 7.63
C LEU A 243 3.89 25.53 7.88
N ALA A 244 3.69 24.75 6.82
CA ALA A 244 3.17 23.40 6.98
C ALA A 244 4.08 22.56 7.88
N MET A 245 5.39 22.70 7.67
CA MET A 245 6.37 21.96 8.44
C MET A 245 6.24 22.33 9.91
N LEU A 246 6.08 23.62 10.15
CA LEU A 246 6.00 24.11 11.50
C LEU A 246 4.73 23.60 12.15
N MET A 247 3.59 23.84 11.53
CA MET A 247 2.31 23.41 12.16
C MET A 247 2.26 21.90 12.34
N GLY A 248 2.82 21.18 11.38
CA GLY A 248 2.85 19.72 11.39
C GLY A 248 3.63 19.17 12.57
N GLU A 249 4.84 19.70 12.78
CA GLU A 249 5.67 19.32 13.92
C GLU A 249 4.94 19.62 15.22
N TYR A 250 4.37 20.81 15.32
CA TYR A 250 3.62 21.18 16.51
C TYR A 250 2.36 20.39 16.75
N PHE A 251 1.91 19.68 15.73
CA PHE A 251 0.68 18.88 15.85
C PHE A 251 1.10 17.50 16.34
N GLN A 252 2.25 17.04 15.87
CA GLN A 252 2.72 15.74 16.30
C GLN A 252 3.12 15.75 17.76
N VAL A 253 3.77 16.83 18.19
CA VAL A 253 4.23 16.99 19.57
C VAL A 253 3.03 17.00 20.48
N GLN A 254 1.98 17.71 20.06
CA GLN A 254 0.73 17.75 20.81
C GLN A 254 0.12 16.35 20.98
N ASP A 255 0.15 15.54 19.91
CA ASP A 255 -0.25 14.14 20.01
C ASP A 255 0.67 13.37 20.98
N ASP A 256 1.97 13.63 20.93
CA ASP A 256 2.90 12.95 21.83
C ASP A 256 2.62 13.24 23.31
N VAL A 257 2.28 14.48 23.62
CA VAL A 257 1.94 14.81 25.00
C VAL A 257 0.61 14.25 25.44
N MET A 258 -0.43 14.44 24.61
CA MET A 258 -1.74 13.84 24.89
C MET A 258 -1.60 12.33 25.08
N ASP A 259 -0.92 11.67 24.13
CA ASP A 259 -0.69 10.22 24.16
C ASP A 259 -0.24 9.72 25.51
N CYS A 260 0.35 10.62 26.30
CA CYS A 260 0.79 10.31 27.66
C CYS A 260 -0.13 10.93 28.74
N PHE A 261 -0.69 12.11 28.49
CA PHE A 261 -1.39 12.85 29.55
C PHE A 261 -2.77 13.34 29.25
N THR A 262 -3.49 12.70 28.34
CA THR A 262 -4.87 13.09 28.07
C THR A 262 -5.44 11.67 28.26
N PRO A 263 -6.59 11.56 28.93
CA PRO A 263 -7.32 10.29 29.09
C PRO A 263 -7.89 9.69 27.80
N PRO A 264 -7.74 8.37 27.61
CA PRO A 264 -8.17 7.70 26.37
C PRO A 264 -9.60 8.02 25.95
N GLU A 265 -10.45 8.34 26.91
CA GLU A 265 -11.85 8.68 26.66
C GLU A 265 -11.97 9.99 25.91
N ARG A 266 -11.22 10.99 26.36
CA ARG A 266 -11.15 12.28 25.64
C ARG A 266 -10.27 12.13 24.40
N LEU A 267 -9.30 11.22 24.49
CA LEU A 267 -8.33 11.00 23.43
C LEU A 267 -8.80 10.04 22.34
N GLY A 268 -9.87 9.29 22.61
CA GLY A 268 -10.41 8.33 21.65
C GLY A 268 -9.40 7.32 21.14
N LYS A 269 -8.46 6.94 22.01
CA LYS A 269 -7.44 5.92 21.72
C LYS A 269 -6.73 5.63 23.05
N VAL A 270 -5.91 4.60 23.11
CA VAL A 270 -5.03 4.40 24.28
C VAL A 270 -3.57 4.39 23.84
N GLY A 271 -2.79 5.21 24.52
CA GLY A 271 -1.42 5.54 24.14
C GLY A 271 -0.41 4.43 24.32
N THR A 272 0.32 4.19 23.23
CA THR A 272 1.25 3.08 23.17
C THR A 272 2.72 3.53 23.04
N ASP A 273 2.99 4.83 23.18
CA ASP A 273 4.34 5.39 22.96
C ASP A 273 5.37 4.90 23.97
N ILE A 274 4.94 4.79 25.22
CA ILE A 274 5.83 4.32 26.29
C ILE A 274 6.17 2.82 26.19
N GLN A 275 5.18 2.03 25.78
CA GLN A 275 5.36 0.59 25.66
C GLN A 275 6.18 0.27 24.42
N ASP A 276 5.87 0.94 23.31
CA ASP A 276 6.58 0.70 22.03
C ASP A 276 7.95 1.33 22.05
N ALA A 277 8.30 1.92 23.20
CA ALA A 277 9.59 2.57 23.41
C ALA A 277 9.79 3.58 22.31
N LYS A 278 8.80 4.43 22.13
CA LYS A 278 8.80 5.34 21.00
C LYS A 278 9.65 6.56 21.25
N CYS A 279 10.12 7.10 20.13
CA CYS A 279 10.82 8.36 20.09
C CYS A 279 9.74 9.44 20.09
N SER A 280 9.06 9.56 21.22
CA SER A 280 8.10 10.63 21.44
C SER A 280 8.80 11.89 21.92
N TRP A 281 8.10 13.02 21.81
CA TRP A 281 8.65 14.31 22.19
C TRP A 281 8.99 14.34 23.65
N LEU A 282 8.16 13.68 24.45
CA LEU A 282 8.40 13.63 25.88
C LEU A 282 9.67 12.86 26.17
N ALA A 283 9.87 11.74 25.49
CA ALA A 283 11.13 10.99 25.60
C ALA A 283 12.40 11.75 25.22
N VAL A 284 12.41 12.50 24.11
CA VAL A 284 13.64 13.19 23.68
C VAL A 284 13.96 14.42 24.54
N THR A 285 12.90 15.16 24.90
CA THR A 285 13.02 16.39 25.66
C THR A 285 13.45 16.07 27.09
N PHE A 286 12.90 15.01 27.65
CA PHE A 286 13.36 14.55 28.91
C PHE A 286 14.82 14.17 28.83
N LEU A 287 15.18 13.33 27.87
CA LEU A 287 16.55 12.82 27.81
C LEU A 287 17.62 13.90 27.60
N ALA A 288 17.26 15.05 27.07
CA ALA A 288 18.25 16.13 26.90
C ALA A 288 18.37 17.06 28.12
N LYS A 289 17.42 16.98 29.06
CA LYS A 289 17.41 17.85 30.22
C LYS A 289 17.62 17.13 31.58
N ALA A 290 17.33 15.83 31.64
CA ALA A 290 17.26 15.10 32.89
C ALA A 290 18.64 14.80 33.48
N SER A 291 18.72 14.74 34.80
CA SER A 291 19.91 14.24 35.48
C SER A 291 20.18 12.73 35.23
N SER A 292 21.27 12.24 35.82
CA SER A 292 21.70 10.84 35.69
C SER A 292 20.83 9.76 36.38
N ALA A 293 20.22 10.06 37.52
CA ALA A 293 19.35 9.08 38.20
C ALA A 293 18.00 8.99 37.53
N GLN A 294 17.57 10.12 36.99
CA GLN A 294 16.33 10.20 36.27
C GLN A 294 16.48 9.37 34.99
N VAL A 295 17.59 9.60 34.31
CA VAL A 295 17.91 8.91 33.06
C VAL A 295 18.10 7.42 33.22
N ALA A 296 18.64 6.99 34.35
CA ALA A 296 18.84 5.57 34.61
C ALA A 296 17.54 4.84 35.02
N GLU A 297 16.63 5.53 35.69
CA GLU A 297 15.28 5.00 36.00
C GLU A 297 14.56 4.74 34.68
N PHE A 298 14.49 5.83 33.91
CA PHE A 298 13.89 5.88 32.60
C PHE A 298 14.36 4.67 31.79
N LYS A 299 15.67 4.51 31.68
CA LYS A 299 16.24 3.44 30.86
C LYS A 299 15.82 2.08 31.35
N ALA A 300 15.66 1.98 32.65
CA ALA A 300 15.19 0.77 33.28
C ALA A 300 13.66 0.63 33.26
N ASN A 301 12.93 1.71 32.91
CA ASN A 301 11.45 1.72 32.98
C ASN A 301 10.72 2.06 31.68
N TYR A 302 11.45 2.17 30.58
CA TYR A 302 10.87 2.49 29.28
C TYR A 302 10.84 1.23 28.41
N GLY A 303 9.88 1.18 27.47
CA GLY A 303 9.81 0.11 26.47
C GLY A 303 9.27 -1.23 26.96
N SER A 304 8.61 -1.22 28.13
CA SER A 304 7.99 -2.41 28.70
C SER A 304 6.50 -2.16 28.98
N GLY A 305 5.67 -3.08 28.47
CA GLY A 305 4.23 -3.08 28.71
C GLY A 305 3.89 -3.05 30.19
N ASP A 306 4.78 -3.52 31.05
CA ASP A 306 4.45 -3.61 32.46
C ASP A 306 3.85 -2.29 32.84
N SER A 307 2.75 -2.35 33.58
CA SER A 307 2.07 -1.12 33.98
C SER A 307 2.67 -0.40 35.19
N GLU A 308 3.46 -1.10 36.00
CA GLU A 308 4.25 -0.41 37.04
C GLU A 308 5.44 0.34 36.42
N LYS A 309 6.04 -0.26 35.40
CA LYS A 309 7.13 0.39 34.67
C LYS A 309 6.58 1.52 33.79
N VAL A 310 5.41 1.33 33.18
CA VAL A 310 4.72 2.38 32.41
C VAL A 310 4.28 3.54 33.33
N ALA A 311 3.80 3.18 34.51
CA ALA A 311 3.40 4.14 35.52
C ALA A 311 4.59 4.98 36.00
N THR A 312 5.79 4.39 35.90
CA THR A 312 7.03 5.05 36.29
C THR A 312 7.47 6.15 35.34
N VAL A 313 7.52 5.83 34.06
CA VAL A 313 7.96 6.77 33.04
C VAL A 313 7.04 7.98 33.05
N ARG A 314 5.72 7.75 32.99
CA ARG A 314 4.71 8.83 33.06
C ARG A 314 5.00 9.70 34.26
N ARG A 315 5.03 9.05 35.42
CA ARG A 315 5.40 9.75 36.62
C ARG A 315 6.65 10.57 36.34
N LEU A 316 7.71 9.92 35.87
CA LEU A 316 9.03 10.56 35.72
C LEU A 316 9.06 11.80 34.81
N TYR A 317 8.21 11.80 33.80
CA TYR A 317 7.98 13.00 32.99
C TYR A 317 7.48 14.15 33.86
N GLU A 318 6.29 13.97 34.44
CA GLU A 318 5.70 14.97 35.36
C GLU A 318 6.79 15.46 36.32
N GLU A 319 7.60 14.50 36.76
CA GLU A 319 8.62 14.72 37.78
C GLU A 319 9.65 15.76 37.36
N ALA A 320 10.00 15.78 36.08
CA ALA A 320 11.02 16.71 35.60
C ALA A 320 10.46 17.91 34.80
N ASP A 321 9.19 18.23 35.01
CA ASP A 321 8.58 19.44 34.46
C ASP A 321 8.49 19.65 32.94
N LEU A 322 8.11 18.62 32.19
CA LEU A 322 7.94 18.75 30.75
C LEU A 322 6.81 19.65 30.26
N GLN A 323 5.75 19.76 31.04
CA GLN A 323 4.61 20.58 30.65
C GLN A 323 5.07 22.01 30.45
N GLY A 324 5.99 22.45 31.31
CA GLY A 324 6.59 23.76 31.17
C GLY A 324 7.30 23.92 29.83
N ASP A 325 8.16 22.94 29.51
CA ASP A 325 8.89 22.94 28.23
C ASP A 325 7.92 23.01 27.03
N TYR A 326 6.82 22.30 27.14
CA TYR A 326 5.79 22.30 26.10
C TYR A 326 5.10 23.66 25.85
N VAL A 327 4.88 24.43 26.92
CA VAL A 327 4.31 25.81 26.84
C VAL A 327 5.28 26.79 26.17
N ALA A 328 6.57 26.66 26.50
CA ALA A 328 7.61 27.50 25.88
C ALA A 328 7.66 27.18 24.39
N TYR A 329 7.69 25.88 24.09
CA TYR A 329 7.71 25.39 22.72
C TYR A 329 6.50 25.95 21.93
N GLU A 330 5.32 25.61 22.42
CA GLU A 330 4.06 26.09 21.88
C GLU A 330 4.09 27.59 21.55
N ALA A 331 4.49 28.42 22.52
CA ALA A 331 4.65 29.87 22.30
C ALA A 331 5.70 30.22 21.24
N ALA A 332 6.84 29.52 21.27
CA ALA A 332 7.86 29.73 20.26
C ALA A 332 7.29 29.49 18.88
N VAL A 333 6.59 28.38 18.74
CA VAL A 333 5.94 28.01 17.49
C VAL A 333 4.90 29.07 17.10
N ALA A 334 4.01 29.39 18.04
CA ALA A 334 2.86 30.29 17.80
C ALA A 334 3.24 31.68 17.26
N GLU A 335 4.38 32.22 17.71
CA GLU A 335 4.86 33.48 17.21
C GLU A 335 5.47 33.29 15.81
N GLN A 336 6.19 32.18 15.64
CA GLN A 336 6.84 31.83 14.37
C GLN A 336 5.85 31.58 13.22
N VAL A 337 4.69 31.01 13.59
CA VAL A 337 3.57 30.89 12.68
C VAL A 337 2.98 32.25 12.33
N LYS A 338 2.84 33.10 13.36
CA LYS A 338 2.20 34.41 13.20
C LYS A 338 3.00 35.28 12.26
N GLU A 339 4.31 35.21 12.41
CA GLU A 339 5.22 35.95 11.55
C GLU A 339 5.10 35.49 10.13
N LEU A 340 5.15 34.16 9.94
CA LEU A 340 5.11 33.58 8.62
C LEU A 340 3.80 33.87 7.88
N ILE A 341 2.67 33.67 8.56
CA ILE A 341 1.39 33.97 7.95
C ILE A 341 1.31 35.43 7.46
N GLU A 342 1.88 36.36 8.22
CA GLU A 342 1.89 37.77 7.83
C GLU A 342 2.71 38.05 6.56
N LYS A 343 3.86 37.39 6.41
CA LYS A 343 4.62 37.40 5.13
C LYS A 343 3.74 36.92 3.98
N LEU A 344 2.94 35.91 4.30
CA LEU A 344 2.05 35.29 3.34
C LEU A 344 0.83 36.15 2.92
N ARG A 345 0.30 36.93 3.87
CA ARG A 345 -0.82 37.86 3.61
C ARG A 345 -0.43 38.94 2.62
N LEU A 346 0.86 39.29 2.60
CA LEU A 346 1.38 40.40 1.77
C LEU A 346 0.99 40.31 0.30
N CYS A 347 1.23 39.14 -0.30
CA CYS A 347 0.89 38.90 -1.71
C CYS A 347 -0.34 38.00 -1.90
N SER A 348 -0.73 37.27 -0.86
CA SER A 348 -1.87 36.35 -0.95
C SER A 348 -2.77 36.36 0.29
N PRO A 349 -3.57 37.44 0.43
CA PRO A 349 -4.43 37.62 1.60
C PRO A 349 -5.44 36.50 1.77
N GLY A 350 -6.08 36.11 0.68
CA GLY A 350 -7.08 35.04 0.73
C GLY A 350 -6.53 33.73 1.28
N PHE A 351 -5.30 33.40 0.88
CA PHE A 351 -4.72 32.15 1.31
C PHE A 351 -4.41 32.24 2.78
N ALA A 352 -3.68 33.28 3.16
CA ALA A 352 -3.33 33.53 4.57
C ALA A 352 -4.52 33.46 5.51
N ALA A 353 -5.66 33.94 5.07
CA ALA A 353 -6.87 33.77 5.86
C ALA A 353 -7.18 32.29 6.19
N SER A 354 -7.19 31.41 5.19
CA SER A 354 -7.54 30.00 5.42
C SER A 354 -6.42 29.21 6.10
N VAL A 355 -5.19 29.68 5.97
CA VAL A 355 -4.06 29.09 6.72
C VAL A 355 -4.23 29.38 8.24
N GLU A 356 -4.71 30.57 8.54
CA GLU A 356 -4.97 31.03 9.91
C GLU A 356 -6.03 30.16 10.53
N THR A 357 -7.07 29.91 9.77
CA THR A 357 -8.16 29.08 10.23
C THR A 357 -7.67 27.70 10.61
N LEU A 358 -6.92 27.09 9.69
CA LEU A 358 -6.32 25.82 9.95
C LEU A 358 -5.49 25.87 11.22
N TRP A 359 -4.65 26.90 11.34
CA TRP A 359 -3.85 27.04 12.55
C TRP A 359 -4.78 27.07 13.75
N GLY A 360 -5.87 27.83 13.62
CA GLY A 360 -6.82 28.03 14.69
C GLY A 360 -7.43 26.73 15.15
N LYS A 361 -7.44 25.76 14.28
CA LYS A 361 -7.96 24.44 14.60
C LYS A 361 -6.93 23.59 15.28
N THR A 362 -5.68 24.04 15.29
CA THR A 362 -4.59 23.25 15.82
C THR A 362 -4.09 23.75 17.17
N TYR A 363 -3.71 25.01 17.23
CA TYR A 363 -3.20 25.60 18.46
C TYR A 363 -4.07 25.26 19.69
N LYS A 364 -3.43 24.68 20.70
CA LYS A 364 -4.09 24.36 21.96
C LYS A 364 -5.38 23.59 21.75
N ARG A 365 -5.36 22.69 20.78
CA ARG A 365 -6.43 21.71 20.60
C ARG A 365 -6.49 20.78 21.81
N GLN A 366 -7.67 20.29 22.14
CA GLN A 366 -7.83 19.22 23.13
C GLN A 366 -8.33 17.96 22.42
N LYS A 367 -8.99 18.16 21.28
CA LYS A 367 -9.26 17.14 20.25
C LYS A 367 -9.71 15.77 20.77
N MET B 1 20.96 -10.89 -24.52
CA MET B 1 21.11 -9.40 -24.41
C MET B 1 20.06 -8.71 -23.54
N PRO B 2 18.76 -8.91 -23.85
CA PRO B 2 17.70 -8.19 -23.13
C PRO B 2 17.94 -8.17 -21.63
N MET B 3 18.38 -9.31 -21.11
CA MET B 3 18.68 -9.48 -19.70
C MET B 3 19.81 -8.60 -19.21
N GLN B 4 20.81 -8.37 -20.04
CA GLN B 4 21.93 -7.51 -19.66
C GLN B 4 21.55 -6.03 -19.48
N MET B 5 20.87 -5.45 -20.48
CA MET B 5 20.45 -4.04 -20.40
C MET B 5 19.39 -3.84 -19.31
N PHE B 6 18.55 -4.86 -19.12
CA PHE B 6 17.56 -4.86 -18.06
C PHE B 6 18.23 -4.66 -16.71
N MET B 7 19.34 -5.38 -16.50
CA MET B 7 20.11 -5.25 -15.27
C MET B 7 20.86 -3.93 -15.17
N GLN B 8 21.12 -3.28 -16.30
CA GLN B 8 21.82 -2.00 -16.33
C GLN B 8 20.97 -0.87 -15.78
N VAL B 9 19.73 -0.86 -16.25
CA VAL B 9 18.75 0.13 -15.84
C VAL B 9 18.32 -0.08 -14.39
N TYR B 10 18.39 -1.31 -13.90
CA TYR B 10 18.11 -1.54 -12.48
C TYR B 10 19.06 -0.71 -11.68
N ASP B 11 20.32 -0.84 -12.03
CA ASP B 11 21.39 -0.11 -11.36
C ASP B 11 21.15 1.41 -11.50
N GLU B 12 20.64 1.84 -12.65
CA GLU B 12 20.24 3.24 -12.85
C GLU B 12 19.11 3.67 -11.92
N ILE B 13 18.08 2.83 -11.84
CA ILE B 13 16.96 3.07 -10.96
C ILE B 13 17.40 3.06 -9.51
N GLN B 14 18.09 2.01 -9.09
CA GLN B 14 18.56 1.88 -7.73
C GLN B 14 19.34 3.10 -7.31
N MET B 15 20.18 3.59 -8.21
CA MET B 15 21.06 4.73 -7.89
C MET B 15 20.26 6.02 -7.69
N PHE B 16 19.40 6.31 -8.64
CA PHE B 16 18.59 7.49 -8.53
C PHE B 16 17.74 7.46 -7.26
N LEU B 17 17.15 6.32 -6.94
CA LEU B 17 16.29 6.22 -5.77
C LEU B 17 17.04 6.39 -4.48
N LEU B 18 18.06 5.56 -4.30
CA LEU B 18 18.80 5.55 -3.04
C LEU B 18 19.46 6.90 -2.80
N GLU B 19 19.97 7.50 -3.87
CA GLU B 19 20.60 8.81 -3.77
C GLU B 19 19.57 9.88 -3.40
N GLU B 20 18.39 9.80 -4.01
CA GLU B 20 17.32 10.76 -3.71
C GLU B 20 16.92 10.70 -2.24
N LEU B 21 16.99 9.51 -1.67
CA LEU B 21 16.80 9.34 -0.23
C LEU B 21 17.86 10.10 0.54
N GLU B 22 19.11 9.87 0.15
CA GLU B 22 20.30 10.50 0.77
C GLU B 22 20.19 12.04 0.77
N LEU B 23 19.82 12.58 -0.38
CA LEU B 23 19.81 14.02 -0.62
C LEU B 23 18.54 14.75 -0.21
N LYS B 24 17.39 14.20 -0.59
CA LYS B 24 16.13 14.89 -0.35
C LYS B 24 15.31 14.38 0.83
N PHE B 25 15.74 13.33 1.50
CA PHE B 25 15.05 12.84 2.70
C PHE B 25 15.92 12.77 3.94
N ASP B 26 17.11 13.35 3.88
CA ASP B 26 18.02 13.40 5.02
C ASP B 26 18.31 11.99 5.53
N MET B 27 18.76 11.09 4.65
CA MET B 27 18.89 9.71 5.05
C MET B 27 20.34 9.27 5.27
N ASP B 28 20.57 8.64 6.42
CA ASP B 28 21.88 8.17 6.80
C ASP B 28 22.29 6.98 5.97
N PRO B 29 23.60 6.68 5.90
CA PRO B 29 24.10 5.51 5.18
C PRO B 29 23.64 4.14 5.66
N ASN B 30 23.38 3.98 6.96
CA ASN B 30 22.87 2.70 7.45
C ASN B 30 21.51 2.37 6.88
N ARG B 31 20.58 3.30 7.03
CA ARG B 31 19.24 3.13 6.51
C ARG B 31 19.25 3.08 4.99
N VAL B 32 20.15 3.84 4.36
CA VAL B 32 20.26 3.72 2.91
C VAL B 32 20.70 2.30 2.51
N ARG B 33 21.68 1.77 3.23
CA ARG B 33 22.15 0.41 2.98
C ARG B 33 21.04 -0.63 3.19
N TYR B 34 20.20 -0.40 4.19
CA TYR B 34 19.11 -1.31 4.49
C TYR B 34 18.19 -1.46 3.28
N LEU B 35 17.78 -0.32 2.75
CA LEU B 35 16.88 -0.29 1.62
C LEU B 35 17.51 -0.91 0.41
N ARG B 36 18.83 -0.85 0.32
CA ARG B 36 19.54 -1.49 -0.78
C ARG B 36 19.44 -3.00 -0.69
N LYS B 37 19.59 -3.54 0.53
CA LYS B 37 19.39 -4.95 0.77
C LYS B 37 17.95 -5.34 0.45
N MET B 38 17.01 -4.69 1.12
CA MET B 38 15.62 -4.98 0.93
C MET B 38 15.30 -4.96 -0.57
N MET B 39 15.76 -3.92 -1.26
CA MET B 39 15.44 -3.79 -2.69
C MET B 39 16.02 -4.94 -3.55
N ASP B 40 17.26 -5.35 -3.26
CA ASP B 40 17.87 -6.50 -3.95
C ASP B 40 17.20 -7.81 -3.55
N THR B 41 16.89 -7.96 -2.27
CA THR B 41 16.34 -9.20 -1.75
C THR B 41 14.91 -9.49 -2.21
N THR B 42 14.13 -8.45 -2.45
CA THR B 42 12.76 -8.61 -2.89
C THR B 42 12.53 -8.46 -4.41
N CYS B 43 13.33 -7.62 -5.08
CA CYS B 43 13.16 -7.36 -6.53
C CYS B 43 14.03 -8.23 -7.41
N LEU B 44 15.10 -8.77 -6.85
CA LEU B 44 16.03 -9.63 -7.59
C LEU B 44 15.95 -11.07 -7.11
N GLY B 45 16.25 -11.98 -8.06
CA GLY B 45 16.36 -13.41 -7.78
C GLY B 45 15.38 -14.29 -8.54
N GLY B 46 14.42 -13.69 -9.22
CA GLY B 46 13.41 -14.43 -9.99
C GLY B 46 13.87 -14.43 -11.42
N LYS B 47 12.99 -14.82 -12.34
CA LYS B 47 13.33 -14.89 -13.78
C LYS B 47 12.82 -13.70 -14.58
N TYR B 48 12.18 -12.76 -13.88
CA TYR B 48 11.81 -11.48 -14.46
C TYR B 48 10.96 -11.65 -15.70
N ASN B 49 10.09 -12.65 -15.69
CA ASN B 49 9.20 -12.87 -16.82
C ASN B 49 8.31 -11.68 -17.17
N ARG B 50 7.72 -11.03 -16.15
CA ARG B 50 6.84 -9.86 -16.39
C ARG B 50 7.60 -8.69 -16.98
N GLY B 51 8.74 -8.39 -16.37
CA GLY B 51 9.64 -7.36 -16.84
C GLY B 51 10.04 -7.58 -18.28
N LEU B 52 10.65 -8.72 -18.56
CA LEU B 52 11.25 -9.05 -19.87
C LEU B 52 10.25 -9.03 -21.04
N THR B 53 9.04 -9.45 -20.75
CA THR B 53 7.98 -9.40 -21.72
C THR B 53 7.84 -8.01 -22.28
N VAL B 54 7.85 -7.01 -21.41
CA VAL B 54 7.68 -5.59 -21.80
C VAL B 54 8.70 -5.27 -22.88
N ILE B 55 9.96 -5.53 -22.57
CA ILE B 55 11.06 -5.37 -23.55
C ILE B 55 10.82 -6.13 -24.84
N ASP B 56 10.39 -7.38 -24.71
CA ASP B 56 10.06 -8.21 -25.88
C ASP B 56 8.96 -7.61 -26.78
N VAL B 57 7.83 -7.25 -26.19
CA VAL B 57 6.72 -6.62 -26.93
C VAL B 57 7.25 -5.37 -27.61
N ALA B 58 7.98 -4.55 -26.84
CA ALA B 58 8.53 -3.28 -27.31
C ALA B 58 9.39 -3.45 -28.55
N GLU B 59 10.29 -4.43 -28.48
CA GLU B 59 11.16 -4.76 -29.62
C GLU B 59 10.37 -5.33 -30.80
N SER B 60 9.41 -6.20 -30.50
CA SER B 60 8.54 -6.72 -31.56
C SER B 60 7.78 -5.62 -32.35
N LEU B 61 7.43 -4.52 -31.68
CA LEU B 61 6.47 -3.53 -32.24
C LEU B 61 7.08 -2.24 -32.79
N LEU B 62 8.33 -1.94 -32.43
CA LEU B 62 8.97 -0.70 -32.91
C LEU B 62 9.17 -0.69 -34.44
N SER B 63 8.89 -1.82 -35.10
CA SER B 63 8.83 -1.90 -36.56
C SER B 63 7.63 -1.16 -37.15
N ASP B 74 18.40 7.12 -37.26
CA ASP B 74 17.61 7.43 -36.07
C ASP B 74 17.37 6.19 -35.22
N GLY B 75 18.46 5.62 -34.70
CA GLY B 75 18.35 4.52 -33.75
C GLY B 75 18.12 5.05 -32.35
N ALA B 76 17.90 6.36 -32.25
CA ALA B 76 17.57 7.02 -31.01
C ALA B 76 16.19 6.59 -30.53
N ARG B 77 15.23 6.60 -31.46
CA ARG B 77 13.88 6.12 -31.17
C ARG B 77 13.99 4.70 -30.58
N ARG B 78 14.71 3.81 -31.25
CA ARG B 78 14.92 2.46 -30.76
C ARG B 78 15.37 2.46 -29.28
N LYS B 79 16.46 3.16 -29.01
CA LYS B 79 16.97 3.35 -27.64
C LYS B 79 15.92 3.86 -26.65
N ARG B 80 15.25 4.95 -27.02
CA ARG B 80 14.24 5.54 -26.17
C ARG B 80 13.26 4.45 -25.76
N VAL B 81 12.66 3.79 -26.76
CA VAL B 81 11.64 2.79 -26.52
C VAL B 81 12.20 1.64 -25.66
N LEU B 82 13.43 1.25 -25.92
CA LEU B 82 14.07 0.16 -25.21
C LEU B 82 14.30 0.50 -23.75
N HIS B 83 14.69 1.75 -23.50
CA HIS B 83 14.96 2.20 -22.14
C HIS B 83 13.65 2.31 -21.33
N ASP B 84 12.68 2.98 -21.91
CA ASP B 84 11.36 3.05 -21.29
C ASP B 84 10.80 1.64 -20.99
N ALA B 85 10.98 0.74 -21.95
CA ALA B 85 10.53 -0.65 -21.81
C ALA B 85 11.19 -1.32 -20.60
N CYS B 86 12.46 -1.02 -20.38
CA CYS B 86 13.14 -1.50 -19.18
C CYS B 86 12.59 -0.88 -17.85
N VAL B 87 12.32 0.42 -17.85
CA VAL B 87 11.78 1.10 -16.67
C VAL B 87 10.42 0.47 -16.36
N CYS B 88 9.52 0.45 -17.34
CA CYS B 88 8.21 -0.16 -17.17
C CYS B 88 8.29 -1.57 -16.59
N GLY B 89 9.24 -2.32 -17.09
CA GLY B 89 9.46 -3.68 -16.68
C GLY B 89 9.76 -3.74 -15.21
N TRP B 90 10.74 -2.91 -14.79
CA TRP B 90 11.05 -2.81 -13.36
C TRP B 90 9.89 -2.26 -12.50
N MET B 91 9.06 -1.40 -13.08
CA MET B 91 7.86 -0.99 -12.38
C MET B 91 6.98 -2.20 -12.04
N ILE B 92 6.86 -3.14 -12.98
CA ILE B 92 5.99 -4.29 -12.73
C ILE B 92 6.67 -5.24 -11.79
N GLU B 93 7.98 -5.38 -11.96
CA GLU B 93 8.75 -6.26 -11.09
C GLU B 93 8.69 -5.76 -9.65
N PHE B 94 8.74 -4.44 -9.46
CA PHE B 94 8.74 -3.82 -8.11
C PHE B 94 7.34 -3.89 -7.50
N LEU B 95 6.33 -3.81 -8.37
CA LEU B 95 4.95 -4.11 -7.99
C LEU B 95 4.80 -5.55 -7.54
N GLN B 96 5.41 -6.46 -8.30
CA GLN B 96 5.40 -7.86 -7.94
C GLN B 96 6.05 -8.05 -6.56
N ALA B 97 7.24 -7.49 -6.39
CA ALA B 97 7.96 -7.54 -5.09
C ALA B 97 7.11 -7.02 -3.92
N HIS B 98 6.44 -5.90 -4.14
CA HIS B 98 5.44 -5.37 -3.19
C HIS B 98 4.42 -6.42 -2.82
N TYR B 99 3.72 -6.95 -3.82
CA TYR B 99 2.67 -7.97 -3.61
C TYR B 99 3.18 -9.17 -2.86
N LEU B 100 4.41 -9.58 -3.14
CA LEU B 100 4.96 -10.80 -2.56
C LEU B 100 5.39 -10.65 -1.11
N VAL B 101 5.96 -9.49 -0.76
CA VAL B 101 6.31 -9.18 0.63
C VAL B 101 5.04 -9.15 1.51
N GLU B 102 4.04 -8.40 1.05
CA GLU B 102 2.75 -8.38 1.73
C GLU B 102 2.05 -9.75 1.73
N ASP B 103 2.05 -10.44 0.58
CA ASP B 103 1.41 -11.76 0.45
C ASP B 103 2.01 -12.70 1.48
N ASP B 104 3.32 -12.82 1.48
CA ASP B 104 3.99 -13.77 2.39
C ASP B 104 3.57 -13.57 3.82
N ILE B 105 3.43 -12.31 4.24
CA ILE B 105 2.97 -11.99 5.58
C ILE B 105 1.51 -12.41 5.79
N MET B 106 0.67 -12.16 4.78
CA MET B 106 -0.76 -12.50 4.81
C MET B 106 -1.02 -14.01 4.78
N ASP B 107 -0.12 -14.77 4.15
CA ASP B 107 -0.24 -16.24 4.03
C ASP B 107 0.64 -16.94 5.09
N ASN B 108 1.32 -16.13 5.91
CA ASN B 108 2.17 -16.61 6.98
C ASN B 108 3.24 -17.56 6.46
N SER B 109 3.79 -17.25 5.28
CA SER B 109 4.66 -18.17 4.55
C SER B 109 6.08 -18.19 5.08
N VAL B 110 6.81 -19.25 4.75
CA VAL B 110 8.15 -19.47 5.31
C VAL B 110 9.19 -18.97 4.34
N THR B 111 9.16 -19.54 3.13
CA THR B 111 10.24 -19.41 2.14
C THR B 111 9.76 -18.79 0.83
N ARG B 112 10.63 -18.05 0.17
CA ARG B 112 10.33 -17.44 -1.12
C ARG B 112 11.64 -17.37 -1.90
N ARG B 113 11.61 -17.88 -3.13
CA ARG B 113 12.77 -17.89 -4.06
C ARG B 113 14.01 -18.58 -3.51
N GLY B 114 13.80 -19.64 -2.73
CA GLY B 114 14.90 -20.40 -2.15
C GLY B 114 15.41 -19.85 -0.83
N LYS B 115 15.02 -18.61 -0.50
CA LYS B 115 15.47 -17.92 0.71
C LYS B 115 14.29 -17.63 1.64
N PRO B 116 14.55 -17.23 2.90
CA PRO B 116 13.41 -16.86 3.75
C PRO B 116 12.62 -15.64 3.28
N CYS B 117 11.31 -15.69 3.56
CA CYS B 117 10.43 -14.55 3.32
C CYS B 117 10.96 -13.28 4.01
N TRP B 118 10.80 -12.13 3.35
CA TRP B 118 11.30 -10.85 3.87
C TRP B 118 10.96 -10.61 5.33
N TYR B 119 9.69 -10.73 5.67
CA TYR B 119 9.24 -10.60 7.06
C TYR B 119 9.83 -11.65 8.01
N ARG B 120 10.41 -12.71 7.46
CA ARG B 120 11.01 -13.78 8.28
C ARG B 120 12.50 -13.56 8.52
N HIS B 121 13.15 -12.76 7.67
CA HIS B 121 14.56 -12.43 7.89
C HIS B 121 14.82 -11.99 9.35
N PRO B 122 15.94 -12.47 9.91
CA PRO B 122 16.25 -12.35 11.32
C PRO B 122 16.22 -10.90 11.81
N ASP B 123 16.68 -9.98 10.98
CA ASP B 123 16.73 -8.56 11.36
C ASP B 123 15.60 -7.68 10.86
N VAL B 124 14.53 -8.30 10.36
CA VAL B 124 13.40 -7.60 9.78
C VAL B 124 12.14 -7.93 10.63
N THR B 125 11.64 -6.92 11.33
CA THR B 125 10.38 -7.04 12.11
C THR B 125 9.16 -7.03 11.18
N VAL B 126 8.05 -7.58 11.66
CA VAL B 126 6.85 -7.73 10.84
C VAL B 126 6.29 -6.34 10.49
N GLN B 127 6.34 -5.44 11.46
CA GLN B 127 5.89 -4.06 11.27
C GLN B 127 6.77 -3.28 10.30
N CYS B 128 8.04 -3.65 10.23
CA CYS B 128 8.98 -2.98 9.32
C CYS B 128 8.76 -3.50 7.89
N ALA B 129 8.58 -4.83 7.79
CA ALA B 129 8.30 -5.52 6.53
C ALA B 129 7.05 -5.02 5.81
N ILE B 130 5.99 -4.74 6.57
CA ILE B 130 4.74 -4.20 6.01
C ILE B 130 5.05 -2.89 5.30
N ASN B 131 5.73 -2.00 6.01
CA ASN B 131 6.15 -0.73 5.47
C ASN B 131 7.15 -0.81 4.30
N ASP B 132 8.04 -1.80 4.34
CA ASP B 132 9.02 -2.03 3.26
C ASP B 132 8.30 -2.45 1.99
N GLY B 133 7.19 -3.16 2.19
CA GLY B 133 6.33 -3.51 1.11
C GLY B 133 5.87 -2.22 0.50
N LEU B 134 5.28 -1.37 1.32
CA LEU B 134 4.68 -0.11 0.83
C LEU B 134 5.71 0.76 0.11
N LEU B 135 6.94 0.79 0.59
CA LEU B 135 8.02 1.54 -0.04
C LEU B 135 8.30 1.02 -1.48
N LEU B 136 8.33 -0.30 -1.59
CA LEU B 136 8.36 -0.97 -2.88
C LEU B 136 7.32 -0.47 -3.88
N LYS B 137 6.10 -0.37 -3.42
CA LYS B 137 5.02 0.18 -4.26
C LYS B 137 5.38 1.63 -4.62
N SER B 138 5.61 2.47 -3.62
CA SER B 138 6.00 3.85 -3.86
C SER B 138 7.14 4.05 -4.83
N TRP B 139 8.11 3.13 -4.79
CA TRP B 139 9.20 3.15 -5.79
C TRP B 139 8.74 3.06 -7.26
N THR B 140 7.73 2.28 -7.57
CA THR B 140 7.17 2.22 -8.91
C THR B 140 6.76 3.61 -9.43
N HIS B 141 6.01 4.35 -8.60
CA HIS B 141 5.65 5.74 -8.91
C HIS B 141 6.84 6.68 -9.04
N MET B 142 7.75 6.61 -8.09
CA MET B 142 8.90 7.49 -8.13
C MET B 142 9.68 7.30 -9.42
N MET B 143 10.06 6.06 -9.73
CA MET B 143 10.86 5.82 -10.92
C MET B 143 10.10 6.28 -12.14
N ALA B 144 8.81 5.96 -12.23
CA ALA B 144 8.02 6.34 -13.39
C ALA B 144 8.06 7.85 -13.59
N MET B 145 7.85 8.61 -12.52
CA MET B 145 7.80 10.06 -12.58
C MET B 145 9.17 10.65 -12.95
N HIS B 146 10.22 9.99 -12.50
CA HIS B 146 11.55 10.42 -12.82
C HIS B 146 11.83 10.23 -14.32
N PHE B 147 11.66 9.01 -14.84
CA PHE B 147 12.00 8.70 -16.25
C PHE B 147 11.01 9.10 -17.31
N PHE B 148 9.73 9.12 -16.96
CA PHE B 148 8.70 9.47 -17.91
C PHE B 148 8.18 10.89 -17.72
N ALA B 149 8.90 11.68 -16.91
CA ALA B 149 8.50 13.08 -16.58
C ALA B 149 7.93 13.81 -17.78
N ASP B 150 8.70 13.76 -18.87
CA ASP B 150 8.46 14.50 -20.12
C ASP B 150 7.77 13.69 -21.19
N ARG B 151 7.04 12.67 -20.79
CA ARG B 151 6.52 11.74 -21.76
C ARG B 151 5.00 11.83 -21.93
N PRO B 152 4.54 11.95 -23.18
CA PRO B 152 3.13 12.17 -23.45
C PRO B 152 2.19 11.15 -22.80
N PHE B 153 2.66 9.92 -22.67
CA PHE B 153 1.82 8.80 -22.24
C PHE B 153 1.87 8.54 -20.71
N LEU B 154 2.56 9.40 -19.98
CA LEU B 154 2.74 9.23 -18.55
C LEU B 154 1.46 9.25 -17.71
N GLN B 155 0.46 10.02 -18.14
CA GLN B 155 -0.83 9.97 -17.48
C GLN B 155 -1.51 8.64 -17.76
N ASP B 156 -1.45 8.19 -19.02
CA ASP B 156 -2.16 6.96 -19.40
C ASP B 156 -1.51 5.76 -18.69
N LEU B 157 -0.18 5.79 -18.62
CA LEU B 157 0.55 4.70 -18.01
C LEU B 157 0.21 4.55 -16.55
N LEU B 158 0.06 5.68 -15.87
CA LEU B 158 -0.12 5.68 -14.44
C LEU B 158 -1.53 5.37 -14.02
N CYS B 159 -2.49 5.82 -14.82
CA CYS B 159 -3.88 5.38 -14.76
C CYS B 159 -4.01 3.86 -14.82
N ARG B 160 -3.56 3.31 -15.95
CA ARG B 160 -3.70 1.88 -16.26
C ARG B 160 -3.00 1.09 -15.15
N PHE B 161 -1.81 1.53 -14.80
CA PHE B 161 -1.03 0.89 -13.79
C PHE B 161 -1.79 0.78 -12.48
N ASN B 162 -2.40 1.88 -12.07
CA ASN B 162 -3.15 1.93 -10.82
C ASN B 162 -4.46 1.15 -10.81
N ARG B 163 -5.12 1.09 -11.97
CA ARG B 163 -6.28 0.24 -12.10
C ARG B 163 -5.89 -1.19 -11.82
N VAL B 164 -4.86 -1.68 -12.52
CA VAL B 164 -4.39 -3.03 -12.31
C VAL B 164 -4.07 -3.26 -10.83
N ASP B 165 -3.33 -2.33 -10.23
CA ASP B 165 -2.95 -2.47 -8.81
C ASP B 165 -4.16 -2.57 -7.90
N TYR B 166 -5.14 -1.70 -8.13
CA TYR B 166 -6.44 -1.79 -7.48
C TYR B 166 -7.16 -3.11 -7.78
N THR B 167 -7.12 -3.58 -9.02
CA THR B 167 -7.79 -4.85 -9.33
C THR B 167 -7.10 -5.97 -8.55
N THR B 168 -5.76 -5.89 -8.45
CA THR B 168 -4.98 -6.95 -7.76
C THR B 168 -5.38 -7.04 -6.29
N ALA B 169 -5.65 -5.90 -5.65
CA ALA B 169 -6.04 -5.84 -4.22
C ALA B 169 -7.43 -6.36 -3.96
N VAL B 170 -8.33 -6.10 -4.90
CA VAL B 170 -9.68 -6.67 -4.90
C VAL B 170 -9.61 -8.19 -5.03
N GLY B 171 -8.82 -8.63 -5.99
CA GLY B 171 -8.56 -10.06 -6.13
C GLY B 171 -8.17 -10.67 -4.81
N GLN B 172 -7.29 -9.99 -4.10
CA GLN B 172 -6.84 -10.50 -2.81
C GLN B 172 -7.92 -10.48 -1.77
N LEU B 173 -8.84 -9.53 -1.87
CA LEU B 173 -10.00 -9.55 -0.99
C LEU B 173 -10.81 -10.85 -1.19
N TYR B 174 -10.98 -11.27 -2.44
CA TYR B 174 -11.64 -12.55 -2.72
C TYR B 174 -10.88 -13.73 -2.13
N ASP B 175 -9.61 -13.81 -2.46
CA ASP B 175 -8.76 -14.91 -1.98
C ASP B 175 -8.83 -15.03 -0.48
N VAL B 176 -8.52 -13.94 0.20
CA VAL B 176 -8.39 -13.93 1.66
C VAL B 176 -9.69 -14.26 2.40
N THR B 177 -10.82 -13.93 1.79
CA THR B 177 -12.10 -14.28 2.38
C THR B 177 -12.79 -15.48 1.74
N SER B 178 -12.06 -16.36 1.06
CA SER B 178 -12.68 -17.54 0.43
C SER B 178 -12.90 -18.74 1.38
N MET B 179 -12.52 -18.61 2.64
CA MET B 179 -12.80 -19.67 3.65
C MET B 179 -13.98 -19.30 4.58
N PHE B 180 -14.52 -18.10 4.38
CA PHE B 180 -15.65 -17.59 5.17
C PHE B 180 -16.93 -17.59 4.33
N ASP B 181 -17.95 -18.30 4.81
CA ASP B 181 -19.31 -18.16 4.31
C ASP B 181 -19.56 -16.67 4.11
N SER B 182 -19.92 -16.27 2.90
CA SER B 182 -19.89 -14.86 2.56
C SER B 182 -21.13 -14.21 3.17
N ASN B 183 -22.18 -14.99 3.32
CA ASN B 183 -23.40 -14.51 3.99
C ASN B 183 -23.14 -14.07 5.40
N LYS B 184 -22.20 -14.74 6.06
CA LYS B 184 -21.80 -14.41 7.43
C LYS B 184 -20.65 -13.40 7.55
N LEU B 185 -20.33 -12.70 6.46
CA LEU B 185 -19.23 -11.76 6.47
C LEU B 185 -19.73 -10.47 7.12
N ASP B 186 -19.27 -10.18 8.34
CA ASP B 186 -19.63 -8.94 9.06
C ASP B 186 -18.50 -8.54 10.00
N PRO B 187 -17.84 -7.38 9.76
CA PRO B 187 -16.76 -6.87 10.61
C PRO B 187 -17.01 -7.02 12.10
N ASP B 188 -18.19 -6.56 12.52
CA ASP B 188 -18.56 -6.51 13.93
C ASP B 188 -18.75 -7.89 14.55
N VAL B 189 -18.84 -8.95 13.74
CA VAL B 189 -19.08 -10.31 14.28
C VAL B 189 -18.13 -11.41 13.78
N SER B 190 -17.46 -12.07 14.73
CA SER B 190 -16.51 -13.16 14.41
C SER B 190 -17.13 -14.44 13.84
N GLN B 191 -16.29 -15.23 13.16
CA GLN B 191 -16.67 -16.48 12.49
C GLN B 191 -15.46 -17.36 12.17
N PRO B 192 -15.59 -18.71 12.21
CA PRO B 192 -14.47 -19.59 11.87
C PRO B 192 -14.50 -20.16 10.45
N THR B 193 -13.47 -20.94 10.12
CA THR B 193 -13.33 -21.62 8.83
C THR B 193 -14.57 -22.43 8.46
N THR B 194 -15.02 -22.27 7.21
CA THR B 194 -16.18 -22.99 6.69
C THR B 194 -16.00 -24.48 6.82
N THR B 195 -17.06 -25.14 7.28
CA THR B 195 -17.10 -26.60 7.45
C THR B 195 -17.85 -27.33 6.32
N ASP B 196 -18.61 -26.58 5.50
CA ASP B 196 -19.29 -27.14 4.31
C ASP B 196 -18.56 -26.86 2.98
N PHE B 197 -17.73 -25.80 2.97
CA PHE B 197 -17.00 -25.32 1.76
C PHE B 197 -17.94 -24.98 0.58
N ALA B 198 -19.20 -24.64 0.85
CA ALA B 198 -20.16 -24.32 -0.22
C ALA B 198 -19.66 -23.20 -1.16
N GLU B 199 -18.68 -22.42 -0.68
CA GLU B 199 -18.01 -21.36 -1.47
C GLU B 199 -16.85 -21.81 -2.40
N PHE B 200 -16.37 -23.04 -2.22
CA PHE B 200 -15.20 -23.56 -2.95
C PHE B 200 -15.59 -24.03 -4.34
N THR B 201 -16.09 -23.12 -5.17
CA THR B 201 -16.58 -23.48 -6.49
C THR B 201 -15.68 -22.93 -7.57
N LEU B 202 -15.56 -23.68 -8.67
CA LEU B 202 -14.83 -23.24 -9.86
C LEU B 202 -15.10 -21.76 -10.15
N SER B 203 -16.37 -21.36 -10.10
CA SER B 203 -16.75 -20.00 -10.46
C SER B 203 -16.09 -18.99 -9.53
N ASN B 204 -16.11 -19.31 -8.25
CA ASN B 204 -15.48 -18.51 -7.24
C ASN B 204 -13.98 -18.55 -7.36
N TYR B 205 -13.45 -19.74 -7.66
CA TYR B 205 -12.02 -19.90 -7.95
C TYR B 205 -11.61 -19.04 -9.16
N LYS B 206 -12.38 -19.13 -10.22
CA LYS B 206 -12.12 -18.38 -11.42
C LYS B 206 -11.96 -16.90 -11.07
N ARG B 207 -12.92 -16.38 -10.33
CA ARG B 207 -12.96 -14.97 -9.99
C ARG B 207 -11.71 -14.57 -9.19
N ILE B 208 -11.33 -15.40 -8.23
CA ILE B 208 -10.23 -15.05 -7.36
C ILE B 208 -8.99 -14.87 -8.23
N VAL B 209 -8.78 -15.87 -9.08
CA VAL B 209 -7.65 -15.93 -9.98
C VAL B 209 -7.65 -14.75 -10.95
N LYS B 210 -8.73 -14.59 -11.70
CA LYS B 210 -8.85 -13.49 -12.67
C LYS B 210 -8.28 -12.20 -12.07
N TYR B 211 -8.87 -11.77 -10.95
CA TYR B 211 -8.56 -10.46 -10.32
C TYR B 211 -7.25 -10.39 -9.55
N LYS B 212 -6.85 -11.48 -8.89
CA LYS B 212 -5.62 -11.45 -8.08
C LYS B 212 -4.32 -11.70 -8.85
N THR B 213 -4.38 -12.36 -10.01
CA THR B 213 -3.17 -12.74 -10.75
C THR B 213 -3.18 -12.31 -12.20
N ALA B 214 -4.26 -12.58 -12.93
CA ALA B 214 -4.21 -12.46 -14.41
C ALA B 214 -3.73 -11.06 -14.86
N TYR B 215 -4.27 -10.03 -14.21
CA TYR B 215 -4.16 -8.65 -14.70
C TYR B 215 -2.75 -8.07 -14.60
N TYR B 216 -2.11 -8.22 -13.45
CA TYR B 216 -0.74 -7.70 -13.29
C TYR B 216 0.33 -8.62 -13.86
N THR B 217 -0.04 -9.87 -14.14
CA THR B 217 0.97 -10.83 -14.58
C THR B 217 0.98 -10.95 -16.10
N TYR B 218 -0.15 -10.77 -16.77
CA TYR B 218 -0.16 -10.94 -18.23
C TYR B 218 -0.57 -9.72 -19.01
N LEU B 219 -1.70 -9.11 -18.66
CA LEU B 219 -2.20 -7.95 -19.38
C LEU B 219 -1.29 -6.73 -19.25
N LEU B 220 -0.74 -6.56 -18.05
CA LEU B 220 0.01 -5.36 -17.72
C LEU B 220 1.29 -5.23 -18.50
N PRO B 221 2.16 -6.27 -18.49
CA PRO B 221 3.34 -6.28 -19.36
C PRO B 221 2.99 -6.09 -20.85
N LEU B 222 1.93 -6.72 -21.31
CA LEU B 222 1.51 -6.57 -22.68
C LEU B 222 1.13 -5.13 -22.99
N VAL B 223 0.31 -4.54 -22.12
CA VAL B 223 -0.11 -3.17 -22.30
C VAL B 223 1.09 -2.22 -22.23
N MET B 224 1.94 -2.37 -21.23
CA MET B 224 2.99 -1.38 -21.03
C MET B 224 3.98 -1.31 -22.20
N GLY B 225 4.28 -2.48 -22.74
CA GLY B 225 5.06 -2.61 -23.96
C GLY B 225 4.40 -1.96 -25.15
N LEU B 226 3.08 -2.03 -25.19
CA LEU B 226 2.34 -1.40 -26.28
C LEU B 226 2.49 0.13 -26.16
N ILE B 227 2.22 0.64 -24.96
CA ILE B 227 2.21 2.08 -24.70
C ILE B 227 3.55 2.71 -25.06
N VAL B 228 4.63 2.11 -24.61
CA VAL B 228 5.96 2.65 -24.89
C VAL B 228 6.37 2.50 -26.34
N SER B 229 5.66 1.64 -27.06
CA SER B 229 5.84 1.53 -28.50
C SER B 229 4.97 2.53 -29.24
N GLU B 230 3.99 3.10 -28.53
CA GLU B 230 2.98 3.95 -29.15
C GLU B 230 2.28 3.15 -30.22
N ALA B 231 1.83 1.95 -29.84
CA ALA B 231 1.14 1.01 -30.74
C ALA B 231 -0.17 0.41 -30.15
N LEU B 232 -0.62 0.91 -29.01
CA LEU B 232 -1.76 0.32 -28.32
C LEU B 232 -3.02 0.25 -29.17
N PRO B 233 -3.35 1.35 -29.87
CA PRO B 233 -4.57 1.32 -30.68
C PRO B 233 -4.50 0.39 -31.89
N THR B 234 -3.33 -0.19 -32.17
CA THR B 234 -3.14 -1.07 -33.33
C THR B 234 -3.61 -2.50 -33.10
N VAL B 235 -3.72 -2.91 -31.84
CA VAL B 235 -4.11 -4.29 -31.56
C VAL B 235 -5.57 -4.40 -31.14
N ASP B 236 -6.15 -5.57 -31.42
CA ASP B 236 -7.46 -5.90 -30.90
C ASP B 236 -7.24 -6.07 -29.41
N MET B 237 -7.74 -5.10 -28.65
CA MET B 237 -7.64 -5.12 -27.19
C MET B 237 -8.57 -6.19 -26.60
N GLY B 238 -9.69 -6.43 -27.26
CA GLY B 238 -10.68 -7.41 -26.79
C GLY B 238 -10.04 -8.77 -26.82
N VAL B 239 -9.43 -9.10 -27.96
CA VAL B 239 -8.71 -10.37 -28.11
C VAL B 239 -7.58 -10.50 -27.08
N THR B 240 -6.69 -9.50 -27.06
CA THR B 240 -5.58 -9.38 -26.09
C THR B 240 -6.06 -9.66 -24.66
N GLU B 241 -7.19 -9.04 -24.31
CA GLU B 241 -7.78 -9.25 -22.99
C GLU B 241 -8.14 -10.72 -22.77
N GLU B 242 -8.78 -11.37 -23.75
CA GLU B 242 -9.16 -12.81 -23.62
C GLU B 242 -7.92 -13.65 -23.33
N LEU B 243 -6.93 -13.52 -24.22
CA LEU B 243 -5.62 -14.16 -24.11
C LEU B 243 -4.98 -14.02 -22.75
N ALA B 244 -4.97 -12.80 -22.23
CA ALA B 244 -4.34 -12.51 -20.94
C ALA B 244 -5.08 -13.23 -19.83
N MET B 245 -6.41 -13.09 -19.81
CA MET B 245 -7.23 -13.73 -18.76
C MET B 245 -6.98 -15.21 -18.77
N LEU B 246 -6.94 -15.76 -19.98
CA LEU B 246 -6.81 -17.19 -20.20
C LEU B 246 -5.44 -17.72 -19.77
N MET B 247 -4.40 -17.09 -20.28
CA MET B 247 -3.03 -17.45 -19.91
C MET B 247 -2.84 -17.25 -18.43
N GLY B 248 -3.43 -16.17 -17.92
CA GLY B 248 -3.38 -15.85 -16.49
C GLY B 248 -3.99 -16.91 -15.60
N GLU B 249 -5.23 -17.32 -15.93
CA GLU B 249 -5.94 -18.35 -15.17
C GLU B 249 -5.08 -19.59 -15.08
N TYR B 250 -4.67 -20.04 -16.26
CA TYR B 250 -3.78 -21.20 -16.37
C TYR B 250 -2.54 -21.07 -15.43
N PHE B 251 -1.79 -20.00 -15.59
CA PHE B 251 -0.64 -19.74 -14.71
C PHE B 251 -0.90 -19.96 -13.23
N GLN B 252 -2.05 -19.48 -12.74
CA GLN B 252 -2.39 -19.66 -11.33
C GLN B 252 -2.65 -21.11 -11.01
N VAL B 253 -3.38 -21.77 -11.91
CA VAL B 253 -3.71 -23.19 -11.79
C VAL B 253 -2.42 -23.99 -11.74
N GLN B 254 -1.47 -23.61 -12.59
CA GLN B 254 -0.13 -24.19 -12.54
C GLN B 254 0.55 -23.95 -11.21
N ASP B 255 0.43 -22.71 -10.69
CA ASP B 255 0.87 -22.40 -9.32
C ASP B 255 0.22 -23.33 -8.28
N ASP B 256 -1.11 -23.41 -8.28
CA ASP B 256 -1.82 -24.23 -7.28
C ASP B 256 -1.36 -25.72 -7.27
N VAL B 257 -1.02 -26.25 -8.46
CA VAL B 257 -0.63 -27.67 -8.59
C VAL B 257 0.79 -27.95 -8.15
N MET B 258 1.66 -26.99 -8.40
CA MET B 258 3.02 -27.04 -7.88
C MET B 258 2.98 -26.84 -6.34
N ASP B 259 2.17 -25.89 -5.87
CA ASP B 259 2.03 -25.57 -4.43
C ASP B 259 1.77 -26.77 -3.54
N CYS B 260 1.40 -27.88 -4.15
CA CYS B 260 1.11 -29.15 -3.46
C CYS B 260 1.92 -30.36 -3.94
N PHE B 261 2.43 -30.34 -5.18
CA PHE B 261 3.16 -31.49 -5.71
C PHE B 261 4.62 -31.27 -6.08
N THR B 262 4.96 -30.05 -6.44
CA THR B 262 6.36 -29.75 -6.74
C THR B 262 7.13 -29.63 -5.42
N PRO B 263 8.29 -30.30 -5.31
CA PRO B 263 9.16 -30.19 -4.12
C PRO B 263 9.70 -28.77 -3.84
N PRO B 264 9.67 -28.31 -2.56
CA PRO B 264 9.94 -26.90 -2.24
C PRO B 264 11.25 -26.32 -2.79
N GLU B 265 12.27 -27.19 -2.97
CA GLU B 265 13.57 -26.77 -3.52
C GLU B 265 13.55 -26.59 -5.03
N ARG B 266 12.71 -27.37 -5.71
CA ARG B 266 12.43 -27.11 -7.12
C ARG B 266 11.69 -25.77 -7.25
N LEU B 267 10.64 -25.57 -6.45
CA LEU B 267 9.82 -24.34 -6.51
C LEU B 267 10.47 -23.12 -5.83
N GLY B 268 11.25 -23.38 -4.79
CA GLY B 268 11.88 -22.30 -4.00
C GLY B 268 10.99 -21.66 -2.95
N LYS B 269 9.94 -22.36 -2.53
CA LYS B 269 8.96 -21.83 -1.57
C LYS B 269 8.10 -22.98 -1.02
N VAL B 270 7.88 -22.98 0.28
CA VAL B 270 7.06 -24.01 0.92
C VAL B 270 5.59 -23.59 0.76
N GLY B 271 4.78 -24.48 0.19
CA GLY B 271 3.35 -24.20 -0.05
C GLY B 271 2.45 -24.26 1.19
N THR B 272 1.51 -23.31 1.24
CA THR B 272 0.64 -23.14 2.39
C THR B 272 -0.88 -23.30 2.09
N ASP B 273 -1.24 -23.62 0.84
CA ASP B 273 -2.66 -23.59 0.39
C ASP B 273 -3.57 -24.51 1.19
N ILE B 274 -3.05 -25.70 1.48
CA ILE B 274 -3.74 -26.62 2.34
C ILE B 274 -3.98 -25.97 3.71
N GLN B 275 -2.89 -25.67 4.43
CA GLN B 275 -2.93 -25.17 5.82
C GLN B 275 -3.86 -23.96 5.98
N ASP B 276 -3.71 -22.98 5.10
CA ASP B 276 -4.52 -21.75 5.14
C ASP B 276 -5.98 -22.00 4.72
N ALA B 277 -6.28 -23.24 4.30
CA ALA B 277 -7.59 -23.61 3.80
C ALA B 277 -7.93 -22.77 2.61
N LYS B 278 -7.00 -22.71 1.67
CA LYS B 278 -7.21 -21.82 0.53
C LYS B 278 -8.13 -22.45 -0.50
N CYS B 279 -8.70 -21.59 -1.31
CA CYS B 279 -9.49 -22.02 -2.44
C CYS B 279 -8.53 -22.22 -3.60
N SER B 280 -7.83 -23.36 -3.61
CA SER B 280 -6.97 -23.70 -4.75
C SER B 280 -7.73 -24.49 -5.82
N TRP B 281 -7.11 -24.62 -6.98
CA TRP B 281 -7.71 -25.34 -8.09
C TRP B 281 -7.90 -26.81 -7.75
N LEU B 282 -6.96 -27.36 -6.99
CA LEU B 282 -7.07 -28.75 -6.57
C LEU B 282 -8.26 -28.89 -5.66
N ALA B 283 -8.43 -27.94 -4.75
CA ALA B 283 -9.49 -27.99 -3.74
C ALA B 283 -10.89 -27.97 -4.36
N VAL B 284 -11.10 -27.08 -5.33
CA VAL B 284 -12.41 -26.92 -5.96
C VAL B 284 -12.72 -28.00 -7.01
N THR B 285 -11.66 -28.53 -7.62
CA THR B 285 -11.83 -29.60 -8.60
C THR B 285 -12.22 -30.88 -7.89
N PHE B 286 -11.38 -31.30 -6.94
CA PHE B 286 -11.67 -32.41 -6.05
C PHE B 286 -13.11 -32.33 -5.60
N LEU B 287 -13.45 -31.29 -4.83
CA LEU B 287 -14.77 -31.19 -4.20
C LEU B 287 -15.94 -31.31 -5.18
N ALA B 288 -15.75 -30.90 -6.42
CA ALA B 288 -16.80 -31.03 -7.41
C ALA B 288 -16.94 -32.47 -7.90
N LYS B 289 -15.85 -33.24 -7.95
CA LYS B 289 -15.90 -34.65 -8.39
C LYS B 289 -16.08 -35.68 -7.25
N ALA B 290 -15.42 -35.50 -6.10
CA ALA B 290 -15.23 -36.57 -5.09
C ALA B 290 -16.52 -37.19 -4.48
N SER B 291 -16.41 -38.43 -4.03
CA SER B 291 -17.51 -39.09 -3.35
C SER B 291 -17.88 -38.37 -2.05
N SER B 292 -18.89 -38.89 -1.37
CA SER B 292 -19.25 -38.50 -0.02
C SER B 292 -18.15 -38.71 1.03
N ALA B 293 -17.54 -39.90 1.05
CA ALA B 293 -16.51 -40.23 2.05
C ALA B 293 -15.24 -39.43 1.79
N GLN B 294 -14.90 -39.27 0.53
CA GLN B 294 -13.73 -38.51 0.16
C GLN B 294 -13.90 -37.09 0.67
N VAL B 295 -15.03 -36.51 0.30
CA VAL B 295 -15.41 -35.16 0.68
C VAL B 295 -15.40 -34.95 2.21
N ALA B 296 -15.82 -35.93 2.98
CA ALA B 296 -15.87 -35.80 4.46
C ALA B 296 -14.52 -35.94 5.16
N GLU B 297 -13.63 -36.77 4.61
CA GLU B 297 -12.26 -36.84 5.11
C GLU B 297 -11.55 -35.50 4.81
N PHE B 298 -11.65 -35.02 3.56
CA PHE B 298 -11.21 -33.67 3.21
C PHE B 298 -11.59 -32.68 4.30
N LYS B 299 -12.90 -32.57 4.58
CA LYS B 299 -13.45 -31.60 5.50
C LYS B 299 -12.92 -31.77 6.93
N ALA B 300 -12.51 -32.98 7.26
CA ALA B 300 -11.95 -33.28 8.58
C ALA B 300 -10.41 -33.07 8.65
N ASN B 301 -9.77 -32.89 7.50
CA ASN B 301 -8.30 -32.77 7.41
C ASN B 301 -7.73 -31.49 6.73
N TYR B 302 -8.59 -30.68 6.13
CA TYR B 302 -8.16 -29.44 5.46
C TYR B 302 -8.08 -28.28 6.47
N GLY B 303 -7.17 -27.33 6.22
CA GLY B 303 -7.08 -26.08 7.02
C GLY B 303 -6.42 -26.25 8.38
N SER B 304 -5.39 -27.11 8.40
CA SER B 304 -4.73 -27.46 9.63
C SER B 304 -3.23 -27.66 9.43
N GLY B 305 -2.44 -26.93 10.23
CA GLY B 305 -0.98 -27.08 10.24
C GLY B 305 -0.53 -28.52 10.42
N ASP B 306 -1.19 -29.23 11.34
CA ASP B 306 -0.95 -30.65 11.62
C ASP B 306 -0.53 -31.41 10.33
N SER B 307 0.54 -32.18 10.41
CA SER B 307 1.18 -32.75 9.20
C SER B 307 0.56 -34.08 8.79
N GLU B 308 -0.08 -34.78 9.73
CA GLU B 308 -0.86 -35.98 9.37
C GLU B 308 -2.17 -35.56 8.65
N LYS B 309 -2.80 -34.50 9.16
CA LYS B 309 -3.95 -33.88 8.49
C LYS B 309 -3.58 -33.36 7.09
N VAL B 310 -2.38 -32.79 6.95
CA VAL B 310 -1.89 -32.27 5.66
C VAL B 310 -1.57 -33.39 4.66
N ALA B 311 -0.81 -34.37 5.13
CA ALA B 311 -0.50 -35.57 4.35
C ALA B 311 -1.76 -36.25 3.80
N THR B 312 -2.84 -36.24 4.58
CA THR B 312 -4.10 -36.89 4.17
C THR B 312 -4.71 -36.18 2.96
N VAL B 313 -4.87 -34.87 3.07
CA VAL B 313 -5.40 -34.05 1.97
C VAL B 313 -4.57 -34.36 0.71
N ARG B 314 -3.25 -34.20 0.84
CA ARG B 314 -2.33 -34.41 -0.28
C ARG B 314 -2.70 -35.75 -0.90
N ARG B 315 -2.59 -36.79 -0.10
CA ARG B 315 -2.96 -38.13 -0.50
C ARG B 315 -4.29 -38.16 -1.27
N LEU B 316 -5.32 -37.56 -0.67
CA LEU B 316 -6.68 -37.58 -1.22
C LEU B 316 -6.75 -36.99 -2.64
N TYR B 317 -5.99 -35.93 -2.88
CA TYR B 317 -5.90 -35.34 -4.22
C TYR B 317 -5.38 -36.37 -5.25
N GLU B 318 -4.23 -36.98 -4.95
CA GLU B 318 -3.65 -38.04 -5.79
C GLU B 318 -4.65 -39.18 -5.97
N GLU B 319 -5.35 -39.50 -4.87
CA GLU B 319 -6.37 -40.56 -4.89
C GLU B 319 -7.45 -40.31 -5.94
N ALA B 320 -7.93 -39.07 -6.02
CA ALA B 320 -8.97 -38.71 -6.98
C ALA B 320 -8.46 -38.47 -8.42
N ASP B 321 -7.18 -38.74 -8.66
CA ASP B 321 -6.50 -38.40 -9.94
C ASP B 321 -6.81 -36.99 -10.46
N LEU B 322 -6.40 -35.98 -9.72
CA LEU B 322 -6.57 -34.59 -10.13
C LEU B 322 -5.61 -34.24 -11.25
N GLN B 323 -4.52 -35.01 -11.34
CA GLN B 323 -3.50 -34.80 -12.36
C GLN B 323 -4.00 -35.19 -13.76
N GLY B 324 -5.07 -35.97 -13.83
CA GLY B 324 -5.72 -36.25 -15.11
C GLY B 324 -6.52 -35.05 -15.57
N ASP B 325 -7.32 -34.50 -14.65
CA ASP B 325 -8.19 -33.33 -14.94
C ASP B 325 -7.34 -32.13 -15.40
N TYR B 326 -6.15 -32.02 -14.82
CA TYR B 326 -5.25 -30.93 -15.12
C TYR B 326 -4.78 -30.93 -16.57
N VAL B 327 -4.33 -32.10 -17.02
CA VAL B 327 -3.90 -32.32 -18.41
C VAL B 327 -4.99 -31.94 -19.41
N ALA B 328 -6.25 -32.26 -19.10
CA ALA B 328 -7.38 -31.99 -20.00
C ALA B 328 -7.58 -30.48 -20.04
N TYR B 329 -7.58 -29.90 -18.84
CA TYR B 329 -7.64 -28.46 -18.72
C TYR B 329 -6.55 -27.84 -19.59
N GLU B 330 -5.32 -28.27 -19.33
CA GLU B 330 -4.15 -27.72 -20.01
C GLU B 330 -4.28 -27.73 -21.52
N ALA B 331 -4.75 -28.88 -22.03
CA ALA B 331 -5.01 -29.11 -23.45
C ALA B 331 -6.03 -28.14 -23.99
N ALA B 332 -7.15 -28.04 -23.27
CA ALA B 332 -8.25 -27.14 -23.63
C ALA B 332 -7.78 -25.70 -23.65
N VAL B 333 -6.95 -25.32 -22.67
CA VAL B 333 -6.42 -23.96 -22.62
C VAL B 333 -5.49 -23.72 -23.80
N ALA B 334 -4.66 -24.73 -24.11
CA ALA B 334 -3.63 -24.59 -25.14
C ALA B 334 -4.20 -24.42 -26.54
N GLU B 335 -5.34 -25.03 -26.81
CA GLU B 335 -5.95 -24.85 -28.14
C GLU B 335 -6.85 -23.61 -28.17
N GLN B 336 -7.38 -23.22 -27.02
CA GLN B 336 -8.09 -21.94 -26.88
C GLN B 336 -7.12 -20.76 -27.12
N VAL B 337 -5.94 -20.86 -26.53
CA VAL B 337 -4.86 -19.91 -26.72
C VAL B 337 -4.38 -19.84 -28.17
N LYS B 338 -4.18 -21.00 -28.77
CA LYS B 338 -3.70 -21.08 -30.16
C LYS B 338 -4.69 -20.38 -31.09
N GLU B 339 -5.99 -20.66 -30.87
CA GLU B 339 -7.06 -20.03 -31.66
C GLU B 339 -6.95 -18.52 -31.55
N LEU B 340 -7.01 -18.00 -30.31
CA LEU B 340 -7.02 -16.54 -30.07
C LEU B 340 -5.79 -15.86 -30.67
N ILE B 341 -4.63 -16.50 -30.54
CA ILE B 341 -3.39 -15.92 -31.08
C ILE B 341 -3.43 -15.74 -32.60
N GLU B 342 -4.10 -16.65 -33.31
CA GLU B 342 -4.29 -16.48 -34.75
C GLU B 342 -5.24 -15.31 -35.04
N LYS B 343 -6.38 -15.24 -34.33
CA LYS B 343 -7.33 -14.10 -34.44
C LYS B 343 -6.63 -12.75 -34.21
N LEU B 344 -5.57 -12.76 -33.42
CA LEU B 344 -4.71 -11.58 -33.21
C LEU B 344 -3.62 -11.40 -34.29
N ARG B 345 -3.00 -12.51 -34.70
CA ARG B 345 -1.97 -12.51 -35.79
C ARG B 345 -2.47 -11.85 -37.08
N LEU B 346 -3.76 -12.02 -37.39
CA LEU B 346 -4.37 -11.48 -38.61
C LEU B 346 -4.00 -10.00 -38.81
N CYS B 347 -4.38 -9.15 -37.86
CA CYS B 347 -4.17 -7.70 -37.98
C CYS B 347 -2.87 -7.18 -37.31
N SER B 348 -2.30 -7.92 -36.35
CA SER B 348 -1.06 -7.43 -35.68
C SER B 348 0.00 -8.52 -35.43
N PRO B 349 0.63 -8.98 -36.53
CA PRO B 349 1.56 -10.14 -36.51
C PRO B 349 2.83 -9.96 -35.66
N GLY B 350 3.25 -8.72 -35.44
CA GLY B 350 4.36 -8.42 -34.52
C GLY B 350 3.99 -8.61 -33.05
N PHE B 351 2.80 -8.15 -32.66
CA PHE B 351 2.31 -8.38 -31.31
C PHE B 351 2.13 -9.88 -31.10
N ALA B 352 1.43 -10.51 -32.05
CA ALA B 352 1.11 -11.94 -32.01
C ALA B 352 2.32 -12.82 -31.72
N ALA B 353 3.43 -12.48 -32.36
CA ALA B 353 4.68 -13.18 -32.13
C ALA B 353 5.15 -13.06 -30.66
N SER B 354 5.20 -11.85 -30.14
CA SER B 354 5.61 -11.64 -28.74
C SER B 354 4.65 -12.26 -27.73
N VAL B 355 3.35 -12.29 -28.04
CA VAL B 355 2.37 -13.00 -27.20
C VAL B 355 2.72 -14.49 -27.20
N GLU B 356 2.96 -15.07 -28.39
CA GLU B 356 3.36 -16.49 -28.49
C GLU B 356 4.64 -16.85 -27.73
N THR B 357 5.58 -15.92 -27.66
CA THR B 357 6.75 -16.14 -26.84
C THR B 357 6.40 -16.24 -25.36
N LEU B 358 5.58 -15.30 -24.90
CA LEU B 358 5.08 -15.30 -23.52
C LEU B 358 4.42 -16.66 -23.23
N TRP B 359 3.52 -17.11 -24.11
CA TRP B 359 2.84 -18.39 -23.89
C TRP B 359 3.87 -19.48 -23.76
N GLY B 360 4.80 -19.48 -24.71
CA GLY B 360 5.93 -20.39 -24.72
C GLY B 360 6.61 -20.49 -23.38
N LYS B 361 6.63 -19.40 -22.63
CA LYS B 361 7.23 -19.41 -21.29
C LYS B 361 6.30 -19.94 -20.17
N THR B 362 5.02 -20.09 -20.47
CA THR B 362 4.01 -20.49 -19.47
C THR B 362 3.69 -21.97 -19.63
N TYR B 363 3.27 -22.35 -20.83
CA TYR B 363 2.86 -23.71 -21.15
C TYR B 363 3.85 -24.76 -20.64
N LYS B 364 3.37 -25.67 -19.80
CA LYS B 364 4.21 -26.73 -19.26
C LYS B 364 5.52 -26.21 -18.70
N ARG B 365 5.43 -25.11 -17.95
CA ARG B 365 6.52 -24.67 -17.09
C ARG B 365 6.71 -25.62 -15.93
N GLN B 366 7.94 -25.68 -15.45
CA GLN B 366 8.25 -26.31 -14.16
C GLN B 366 8.72 -25.25 -13.16
N LYS B 367 9.22 -24.13 -13.70
CA LYS B 367 9.77 -22.99 -12.94
C LYS B 367 10.96 -23.42 -12.07
#